data_2DW0
#
_entry.id   2DW0
#
_cell.length_a   56.910
_cell.length_b   137.950
_cell.length_c   59.240
_cell.angle_alpha   90.00
_cell.angle_beta   91.52
_cell.angle_gamma   90.00
#
_symmetry.space_group_name_H-M   'P 1 21 1'
#
loop_
_entity.id
_entity.type
_entity.pdbx_description
1 polymer Catrocollastatin
2 branched alpha-D-mannopyranose-(1-3)-[2-acetamido-2-deoxy-beta-D-glucopyranose-(1-4)]beta-D-mannopyranose-(1-4)-2-acetamido-2-deoxy-beta-D-glucopyranose-(1-4)-2-acetamido-2-deoxy-beta-D-glucopyranose
3 branched alpha-D-mannopyranose-(1-3)-[2-acetamido-2-deoxy-beta-D-glucopyranose-(1-4)][alpha-D-mannopyranose-(1-6)]beta-D-mannopyranose-(1-4)-2-acetamido-2-deoxy-beta-D-glucopyranose-(1-4)-2-acetamido-2-deoxy-beta-D-glucopyranose
4 non-polymer 'ZINC ION'
5 non-polymer 'CALCIUM ION'
6 non-polymer 3-(N-HYDROXYCARBOXAMIDO)-2-ISOBUTYLPROPANOYL-TRP-METHYLAMIDE
7 water water
#
_entity_poly.entity_id   1
_entity_poly.type   'polypeptide(L)'
_entity_poly.pdbx_seq_one_letter_code
;HQKYNPFRFVELVLVVDKAMVTKNNGDLDKIKTRMYEIVNTVNEIYRYMYIHVALVGLEIWSNEDKITVKPEAGYTLNAF
GEWRKTDLLTRKKHDNAQLLTAIDLDRVIGLAYVGSMCHPKRSTGIIQDYSEINLVVAVIMAHEMGHNLGINHDSGYCSC
GDYACIMRPEISPEPSTFFSNCSYFECWDFIMNHNPECILNEPLGTDIISPPVCGNELLEVGEECDCGTPENCQNECCDA
ATCKLKSGSQCGHGDCCEQCKFSKSGTECRASMSECDPAEHCTGQSSECPADVFHKNGQPCLDNYGYCYNGNCPIMYHQC
YDLFGADVYEAEDSCFERNQKGNYYGYCRKENGNKIPCAPEDVKCGRLYCKDNSPGQNNPCKMFYSNEDEHKGMVLPGTK
CADGKVCSNGHCVDVATAY
;
_entity_poly.pdbx_strand_id   A,B
#
# COMPACT_ATOMS: atom_id res chain seq x y z
N PRO A 6 -2.67 18.85 -12.13
CA PRO A 6 -1.32 18.39 -12.57
C PRO A 6 -0.26 18.73 -11.52
N PHE A 7 -0.27 19.99 -11.09
CA PHE A 7 0.68 20.45 -10.10
C PHE A 7 0.13 20.29 -8.69
N ARG A 8 1.02 19.99 -7.74
CA ARG A 8 0.65 19.92 -6.34
C ARG A 8 1.20 21.21 -5.76
N PHE A 9 0.63 21.69 -4.66
CA PHE A 9 1.06 22.94 -4.07
C PHE A 9 1.43 22.77 -2.62
N VAL A 10 2.60 23.28 -2.22
CA VAL A 10 2.97 23.20 -0.82
C VAL A 10 2.88 24.60 -0.22
N GLU A 11 1.91 24.78 0.68
CA GLU A 11 1.73 26.05 1.38
C GLU A 11 2.65 26.00 2.59
N LEU A 12 3.75 26.70 2.45
CA LEU A 12 4.81 26.74 3.45
C LEU A 12 4.81 27.88 4.45
N VAL A 13 5.13 27.54 5.69
CA VAL A 13 5.29 28.55 6.72
C VAL A 13 6.73 28.41 7.22
N LEU A 14 7.43 29.53 7.28
CA LEU A 14 8.80 29.51 7.75
C LEU A 14 8.88 30.15 9.12
N VAL A 15 9.74 29.59 9.98
CA VAL A 15 9.97 30.13 11.31
C VAL A 15 11.47 30.44 11.41
N VAL A 16 11.79 31.61 11.95
CA VAL A 16 13.18 32.06 12.09
C VAL A 16 13.47 32.21 13.57
N ASP A 17 14.53 31.55 14.05
CA ASP A 17 14.86 31.60 15.48
C ASP A 17 15.58 32.86 15.96
N LYS A 18 15.69 33.00 17.28
CA LYS A 18 16.29 34.17 17.90
C LYS A 18 17.74 34.39 17.49
N ALA A 19 18.51 33.32 17.46
CA ALA A 19 19.90 33.40 17.06
C ALA A 19 20.06 34.03 15.66
N MET A 20 19.14 33.71 14.74
CA MET A 20 19.25 34.26 13.40
C MET A 20 18.85 35.73 13.38
N VAL A 21 17.88 36.09 14.22
CA VAL A 21 17.47 37.48 14.30
C VAL A 21 18.66 38.31 14.81
N THR A 22 19.31 37.83 15.86
CA THR A 22 20.46 38.53 16.43
C THR A 22 21.61 38.57 15.43
N LYS A 23 21.77 37.49 14.66
CA LYS A 23 22.82 37.41 13.67
C LYS A 23 22.65 38.49 12.59
N ASN A 24 21.41 38.83 12.29
CA ASN A 24 21.13 39.84 11.28
C ASN A 24 20.83 41.15 11.98
N ASN A 25 21.33 41.25 13.21
CA ASN A 25 21.15 42.39 14.07
C ASN A 25 19.75 43.02 14.07
N GLY A 26 18.75 42.17 14.27
CA GLY A 26 17.36 42.60 14.38
C GLY A 26 16.65 43.14 13.14
N ASP A 27 17.34 43.11 12.00
CA ASP A 27 16.76 43.61 10.76
C ASP A 27 15.76 42.61 10.18
N LEU A 28 14.51 42.74 10.58
CA LEU A 28 13.44 41.85 10.10
C LEU A 28 13.18 41.97 8.60
N ASP A 29 13.28 43.19 8.07
CA ASP A 29 13.05 43.38 6.64
C ASP A 29 14.05 42.54 5.85
N LYS A 30 15.28 42.56 6.32
CA LYS A 30 16.39 41.82 5.74
C LYS A 30 16.12 40.32 5.78
N ILE A 31 15.68 39.84 6.94
CA ILE A 31 15.37 38.43 7.14
C ILE A 31 14.21 38.04 6.25
N LYS A 32 13.17 38.87 6.24
CA LYS A 32 12.01 38.59 5.42
C LYS A 32 12.43 38.49 3.96
N THR A 33 13.23 39.43 3.49
CA THR A 33 13.67 39.42 2.10
C THR A 33 14.42 38.12 1.79
N ARG A 34 15.33 37.67 2.66
CA ARG A 34 16.04 36.41 2.39
C ARG A 34 15.01 35.32 2.21
N MET A 35 14.07 35.21 3.15
CA MET A 35 13.03 34.17 3.08
C MET A 35 12.27 34.20 1.76
N TYR A 36 11.85 35.38 1.32
CA TYR A 36 11.13 35.46 0.04
C TYR A 36 12.04 34.95 -1.09
N GLU A 37 13.31 35.36 -1.05
CA GLU A 37 14.27 34.97 -2.07
C GLU A 37 14.52 33.47 -2.09
N ILE A 38 14.78 32.91 -0.91
CA ILE A 38 15.04 31.47 -0.79
C ILE A 38 13.83 30.64 -1.27
N VAL A 39 12.62 30.99 -0.81
CA VAL A 39 11.42 30.26 -1.24
C VAL A 39 11.18 30.38 -2.76
N ASN A 40 11.43 31.58 -3.31
CA ASN A 40 11.27 31.78 -4.76
C ASN A 40 12.17 30.78 -5.49
N THR A 41 13.40 30.63 -5.02
CA THR A 41 14.31 29.67 -5.65
C THR A 41 13.84 28.22 -5.43
N VAL A 42 13.32 27.92 -4.24
CA VAL A 42 12.82 26.58 -4.00
C VAL A 42 11.65 26.26 -4.95
N ASN A 43 10.80 27.25 -5.22
CA ASN A 43 9.66 27.06 -6.11
C ASN A 43 10.19 26.73 -7.51
N GLU A 44 11.25 27.42 -7.92
CA GLU A 44 11.87 27.17 -9.23
C GLU A 44 12.45 25.76 -9.30
N ILE A 45 13.11 25.36 -8.22
CA ILE A 45 13.71 24.03 -8.15
C ILE A 45 12.65 22.94 -8.34
N TYR A 46 11.49 23.11 -7.72
CA TYR A 46 10.42 22.13 -7.78
C TYR A 46 9.55 22.11 -9.03
N ARG A 47 9.70 23.09 -9.91
CA ARG A 47 8.90 23.13 -11.13
C ARG A 47 9.08 21.81 -11.88
N TYR A 48 10.33 21.35 -11.95
CA TYR A 48 10.71 20.09 -12.58
C TYR A 48 10.01 18.89 -11.94
N MET A 49 9.49 19.08 -10.72
CA MET A 49 8.82 18.00 -10.01
C MET A 49 7.30 18.11 -10.03
N TYR A 50 6.78 19.07 -10.80
CA TYR A 50 5.34 19.30 -10.88
C TYR A 50 4.78 19.67 -9.51
N ILE A 51 5.55 20.45 -8.76
CA ILE A 51 5.12 20.92 -7.46
C ILE A 51 5.46 22.39 -7.32
N HIS A 52 4.53 23.17 -6.78
CA HIS A 52 4.75 24.59 -6.55
C HIS A 52 4.89 24.81 -5.06
N VAL A 53 5.77 25.73 -4.68
CA VAL A 53 5.95 26.05 -3.27
C VAL A 53 5.65 27.54 -3.06
N ALA A 54 4.75 27.83 -2.14
CA ALA A 54 4.36 29.22 -1.86
C ALA A 54 4.39 29.51 -0.36
N LEU A 55 5.05 30.61 0.00
CA LEU A 55 5.15 31.04 1.39
C LEU A 55 3.84 31.67 1.83
N VAL A 56 3.14 31.03 2.77
CA VAL A 56 1.87 31.57 3.24
C VAL A 56 1.94 32.13 4.66
N GLY A 57 3.08 31.98 5.31
CA GLY A 57 3.23 32.50 6.67
C GLY A 57 4.69 32.59 7.06
N LEU A 58 5.03 33.52 7.94
CA LEU A 58 6.42 33.69 8.39
C LEU A 58 6.38 34.14 9.84
N GLU A 59 6.99 33.37 10.72
CA GLU A 59 7.02 33.72 12.15
C GLU A 59 8.48 33.93 12.56
N ILE A 60 8.77 35.09 13.12
CA ILE A 60 10.12 35.45 13.52
C ILE A 60 10.21 35.61 15.03
N TRP A 61 10.97 34.72 15.67
CA TRP A 61 11.10 34.76 17.12
C TRP A 61 12.13 35.81 17.53
N SER A 62 11.72 37.09 17.42
CA SER A 62 12.60 38.20 17.75
C SER A 62 12.73 38.49 19.23
N ASN A 63 11.82 37.92 20.03
CA ASN A 63 11.86 38.08 21.47
C ASN A 63 12.54 36.82 22.05
N GLU A 64 11.77 35.76 22.28
CA GLU A 64 12.34 34.50 22.78
C GLU A 64 11.88 33.36 21.87
N ASP A 65 12.68 32.31 21.76
CA ASP A 65 12.33 31.14 20.95
C ASP A 65 11.14 30.44 21.63
N LYS A 66 10.23 29.85 20.85
CA LYS A 66 9.10 29.18 21.47
C LYS A 66 9.40 27.74 21.87
N ILE A 67 10.59 27.27 21.49
CA ILE A 67 11.06 25.95 21.89
C ILE A 67 12.52 26.19 22.23
N THR A 68 13.18 25.21 22.84
CA THR A 68 14.59 25.34 23.15
C THR A 68 15.34 24.86 21.91
N VAL A 69 16.02 25.77 21.21
CA VAL A 69 16.77 25.40 20.00
C VAL A 69 18.14 24.88 20.38
N LYS A 70 18.33 23.57 20.28
CA LYS A 70 19.60 22.93 20.63
C LYS A 70 20.38 22.42 19.42
N PRO A 71 21.71 22.27 19.56
CA PRO A 71 22.57 21.77 18.48
C PRO A 71 22.20 20.33 18.14
N GLU A 72 21.66 19.59 19.11
CA GLU A 72 21.25 18.22 18.81
C GLU A 72 20.02 18.36 17.92
N ALA A 73 20.22 18.16 16.62
CA ALA A 73 19.16 18.29 15.62
C ALA A 73 17.90 17.45 15.84
N GLY A 74 18.07 16.23 16.35
CA GLY A 74 16.94 15.37 16.61
C GLY A 74 16.01 15.95 17.67
N TYR A 75 16.59 16.49 18.74
CA TYR A 75 15.79 17.08 19.81
C TYR A 75 15.06 18.31 19.23
N THR A 76 15.80 19.15 18.54
CA THR A 76 15.22 20.36 18.01
C THR A 76 14.10 20.12 17.00
N LEU A 77 14.28 19.14 16.12
CA LEU A 77 13.25 18.85 15.12
C LEU A 77 12.00 18.30 15.82
N ASN A 78 12.19 17.42 16.80
CA ASN A 78 11.04 16.86 17.51
C ASN A 78 10.29 17.94 18.28
N ALA A 79 11.03 18.85 18.92
CA ALA A 79 10.40 19.94 19.65
C ALA A 79 9.66 20.88 18.69
N PHE A 80 10.29 21.19 17.54
CA PHE A 80 9.67 22.05 16.54
C PHE A 80 8.39 21.39 15.98
N GLY A 81 8.47 20.09 15.74
CA GLY A 81 7.31 19.38 15.23
C GLY A 81 6.15 19.42 16.22
N GLU A 82 6.44 19.21 17.50
CA GLU A 82 5.41 19.25 18.55
C GLU A 82 4.78 20.63 18.61
N TRP A 83 5.62 21.66 18.58
CA TRP A 83 5.14 23.02 18.63
C TRP A 83 4.24 23.34 17.44
N ARG A 84 4.64 22.90 16.26
CA ARG A 84 3.84 23.15 15.07
C ARG A 84 2.44 22.49 15.21
N LYS A 85 2.44 21.25 15.66
CA LYS A 85 1.20 20.50 15.84
C LYS A 85 0.27 21.13 16.88
N THR A 86 0.78 21.42 18.07
CA THR A 86 -0.05 21.96 19.14
C THR A 86 -0.29 23.46 19.14
N ASP A 87 0.55 24.21 18.44
CA ASP A 87 0.41 25.66 18.40
C ASP A 87 0.11 26.22 17.01
N LEU A 88 1.16 26.34 16.19
CA LEU A 88 1.03 26.92 14.85
C LEU A 88 -0.11 26.42 13.98
N LEU A 89 -0.16 25.11 13.78
CA LEU A 89 -1.19 24.52 12.93
C LEU A 89 -2.61 24.78 13.42
N THR A 90 -2.79 25.00 14.73
CA THR A 90 -4.14 25.23 15.25
C THR A 90 -4.65 26.64 14.93
N ARG A 91 -3.74 27.56 14.62
CA ARG A 91 -4.17 28.91 14.32
C ARG A 91 -3.76 29.38 12.93
N LYS A 92 -3.13 28.50 12.15
CA LYS A 92 -2.68 28.86 10.80
C LYS A 92 -2.72 27.67 9.85
N LYS A 93 -3.55 27.74 8.83
CA LYS A 93 -3.61 26.62 7.91
C LYS A 93 -2.41 26.67 6.98
N HIS A 94 -1.73 25.54 6.87
CA HIS A 94 -0.57 25.42 5.99
C HIS A 94 -0.23 23.93 5.93
N ASP A 95 0.59 23.56 4.94
CA ASP A 95 0.94 22.15 4.71
C ASP A 95 2.27 21.68 5.28
N ASN A 96 3.21 22.60 5.42
CA ASN A 96 4.56 22.24 5.85
C ASN A 96 5.24 23.45 6.49
N ALA A 97 6.11 23.20 7.46
CA ALA A 97 6.81 24.27 8.15
C ALA A 97 8.28 23.91 8.34
N GLN A 98 9.16 24.87 8.07
CA GLN A 98 10.60 24.67 8.23
C GLN A 98 11.13 25.74 9.17
N LEU A 99 11.96 25.32 10.11
CA LEU A 99 12.59 26.22 11.06
C LEU A 99 14.00 26.56 10.58
N LEU A 100 14.33 27.85 10.50
CA LEU A 100 15.68 28.26 10.11
C LEU A 100 16.37 28.68 11.39
N THR A 101 17.57 28.18 11.64
CA THR A 101 18.30 28.52 12.87
C THR A 101 19.77 28.90 12.61
N ALA A 102 20.26 29.87 13.38
CA ALA A 102 21.63 30.33 13.29
C ALA A 102 22.55 29.45 14.16
N ILE A 103 21.94 28.55 14.92
CA ILE A 103 22.70 27.62 15.76
C ILE A 103 23.39 26.59 14.86
N ASP A 104 24.63 26.21 15.20
CA ASP A 104 25.33 25.19 14.42
C ASP A 104 24.92 23.83 14.95
N LEU A 105 23.99 23.20 14.24
CA LEU A 105 23.48 21.88 14.60
C LEU A 105 24.61 20.87 14.58
N ASP A 106 24.59 19.91 15.49
CA ASP A 106 25.64 18.91 15.50
C ASP A 106 25.55 18.03 14.26
N ARG A 107 26.71 17.68 13.72
CA ARG A 107 26.82 16.79 12.56
C ARG A 107 26.12 17.16 11.25
N VAL A 108 25.06 17.95 11.29
CA VAL A 108 24.33 18.30 10.07
C VAL A 108 24.04 19.78 9.86
N ILE A 109 23.52 20.13 8.69
CA ILE A 109 23.14 21.51 8.44
C ILE A 109 21.64 21.54 8.10
N GLY A 110 20.98 20.42 8.35
CA GLY A 110 19.55 20.32 8.11
C GLY A 110 19.04 18.94 8.51
N LEU A 111 17.75 18.84 8.80
CA LEU A 111 17.17 17.56 9.21
C LEU A 111 15.66 17.57 8.98
N ALA A 112 15.12 16.43 8.55
CA ALA A 112 13.68 16.37 8.28
C ALA A 112 13.16 14.95 8.22
N TYR A 113 11.90 14.77 8.62
CA TYR A 113 11.23 13.48 8.59
C TYR A 113 11.02 13.09 7.13
N VAL A 114 10.94 11.78 6.86
CA VAL A 114 10.74 11.30 5.49
C VAL A 114 9.30 10.82 5.26
N GLY A 115 8.74 11.15 4.10
CA GLY A 115 7.38 10.74 3.74
C GLY A 115 6.39 11.16 4.81
N SER A 116 6.36 12.45 5.08
CA SER A 116 5.52 12.99 6.15
C SER A 116 4.71 14.20 5.74
N MET A 117 4.75 14.58 4.46
CA MET A 117 4.01 15.76 4.02
C MET A 117 2.55 15.73 4.46
N CYS A 118 2.13 16.81 5.11
CA CYS A 118 0.78 17.00 5.65
C CYS A 118 0.59 16.50 7.08
N HIS A 119 1.48 15.64 7.57
CA HIS A 119 1.34 15.14 8.94
C HIS A 119 1.38 16.34 9.91
N PRO A 120 0.46 16.40 10.89
CA PRO A 120 0.49 17.54 11.82
C PRO A 120 1.80 17.83 12.56
N LYS A 121 2.54 16.79 12.91
CA LYS A 121 3.80 17.00 13.60
C LYS A 121 5.02 16.86 12.69
N ARG A 122 5.00 15.85 11.83
CA ARG A 122 6.15 15.54 10.99
C ARG A 122 6.29 16.23 9.65
N SER A 123 5.32 17.07 9.30
CA SER A 123 5.45 17.78 8.04
C SER A 123 6.30 19.02 8.41
N THR A 124 7.51 18.73 8.89
CA THR A 124 8.46 19.76 9.33
C THR A 124 9.90 19.38 9.05
N GLY A 125 10.78 20.36 9.18
CA GLY A 125 12.20 20.15 9.00
C GLY A 125 12.91 21.33 9.62
N ILE A 126 14.21 21.20 9.87
CA ILE A 126 14.94 22.32 10.42
C ILE A 126 16.10 22.57 9.45
N ILE A 127 16.44 23.83 9.29
CA ILE A 127 17.47 24.26 8.34
C ILE A 127 18.44 25.21 9.01
N GLN A 128 19.73 24.89 8.92
CA GLN A 128 20.75 25.75 9.52
C GLN A 128 21.11 26.88 8.57
N ASP A 129 21.14 28.10 9.09
CA ASP A 129 21.51 29.26 8.28
C ASP A 129 23.00 29.08 8.07
N TYR A 130 23.30 28.14 7.18
CA TYR A 130 24.65 27.69 6.85
C TYR A 130 25.50 28.64 5.99
N SER A 131 24.83 29.49 5.23
CA SER A 131 25.54 30.41 4.35
C SER A 131 24.70 31.65 4.10
N GLU A 132 25.36 32.75 3.80
CA GLU A 132 24.68 34.00 3.50
C GLU A 132 24.18 33.96 2.06
N ILE A 133 24.67 33.00 1.28
CA ILE A 133 24.27 32.85 -0.13
C ILE A 133 22.90 32.19 -0.18
N ASN A 134 21.93 32.89 -0.76
CA ASN A 134 20.58 32.36 -0.81
C ASN A 134 20.38 31.06 -1.57
N LEU A 135 21.11 30.88 -2.67
CA LEU A 135 21.00 29.66 -3.46
C LEU A 135 21.37 28.45 -2.59
N VAL A 136 22.37 28.64 -1.74
CA VAL A 136 22.83 27.57 -0.85
C VAL A 136 21.78 27.15 0.18
N VAL A 137 21.16 28.12 0.84
CA VAL A 137 20.14 27.79 1.83
C VAL A 137 18.89 27.28 1.13
N ALA A 138 18.66 27.72 -0.10
CA ALA A 138 17.51 27.25 -0.87
C ALA A 138 17.69 25.75 -1.16
N VAL A 139 18.92 25.34 -1.44
CA VAL A 139 19.20 23.94 -1.71
C VAL A 139 18.95 23.14 -0.44
N ILE A 140 19.41 23.64 0.70
CA ILE A 140 19.17 22.95 1.96
C ILE A 140 17.67 22.79 2.21
N MET A 141 16.93 23.88 1.98
CA MET A 141 15.48 23.89 2.16
C MET A 141 14.79 22.91 1.19
N ALA A 142 15.18 22.93 -0.08
CA ALA A 142 14.59 22.03 -1.06
C ALA A 142 14.88 20.57 -0.68
N HIS A 143 16.05 20.34 -0.12
CA HIS A 143 16.46 18.99 0.31
C HIS A 143 15.62 18.50 1.49
N GLU A 144 15.49 19.33 2.53
CA GLU A 144 14.71 18.93 3.70
C GLU A 144 13.25 18.71 3.34
N MET A 145 12.70 19.59 2.49
CA MET A 145 11.32 19.44 2.08
C MET A 145 11.18 18.18 1.21
N GLY A 146 12.25 17.88 0.46
CA GLY A 146 12.24 16.69 -0.38
C GLY A 146 12.02 15.48 0.50
N HIS A 147 12.75 15.38 1.61
CA HIS A 147 12.58 14.28 2.53
C HIS A 147 11.11 14.21 2.94
N ASN A 148 10.56 15.34 3.38
CA ASN A 148 9.15 15.41 3.77
C ASN A 148 8.29 14.82 2.65
N LEU A 149 8.70 15.04 1.40
CA LEU A 149 7.95 14.52 0.28
C LEU A 149 8.28 13.05 -0.03
N GLY A 150 8.91 12.36 0.92
CA GLY A 150 9.24 10.95 0.74
C GLY A 150 10.50 10.64 -0.04
N ILE A 151 11.34 11.63 -0.29
CA ILE A 151 12.57 11.40 -1.03
C ILE A 151 13.75 11.07 -0.11
N ASN A 152 14.48 10.01 -0.46
CA ASN A 152 15.67 9.60 0.29
C ASN A 152 16.89 10.06 -0.50
N HIS A 153 18.07 9.92 0.10
CA HIS A 153 19.31 10.34 -0.52
C HIS A 153 19.63 9.59 -1.82
N ASP A 154 20.21 10.30 -2.79
CA ASP A 154 20.60 9.68 -4.05
C ASP A 154 21.71 8.68 -3.78
N SER A 155 21.95 7.79 -4.74
CA SER A 155 23.01 6.79 -4.65
C SER A 155 23.01 5.96 -5.94
N GLY A 156 24.05 5.17 -6.14
CA GLY A 156 24.12 4.32 -7.33
C GLY A 156 24.02 5.04 -8.66
N TYR A 157 23.10 4.60 -9.51
CA TYR A 157 22.95 5.21 -10.84
C TYR A 157 22.05 6.44 -10.87
N CYS A 158 21.62 6.92 -9.71
CA CYS A 158 20.80 8.11 -9.66
C CYS A 158 21.57 9.25 -10.30
N SER A 159 20.93 9.97 -11.21
CA SER A 159 21.60 11.09 -11.89
C SER A 159 20.68 12.27 -12.20
N CYS A 160 21.29 13.45 -12.22
CA CYS A 160 20.57 14.67 -12.54
C CYS A 160 21.49 15.38 -13.52
N GLY A 161 22.14 14.59 -14.36
CA GLY A 161 23.05 15.15 -15.34
C GLY A 161 24.46 15.32 -14.81
N ASP A 162 25.13 16.35 -15.30
CA ASP A 162 26.51 16.63 -14.91
C ASP A 162 26.58 17.69 -13.80
N TYR A 163 25.66 17.61 -12.85
CA TYR A 163 25.60 18.56 -11.76
C TYR A 163 25.47 17.85 -10.43
N ALA A 164 25.62 18.60 -9.34
CA ALA A 164 25.49 18.04 -8.00
C ALA A 164 23.98 18.09 -7.68
N CYS A 165 23.38 16.92 -7.50
CA CYS A 165 21.95 16.83 -7.23
C CYS A 165 21.55 17.23 -5.82
N ILE A 166 20.35 17.79 -5.69
CA ILE A 166 19.83 18.24 -4.41
C ILE A 166 19.90 17.19 -3.30
N MET A 167 19.51 15.96 -3.63
CA MET A 167 19.47 14.91 -2.62
C MET A 167 20.73 14.11 -2.32
N ARG A 168 21.90 14.62 -2.70
CA ARG A 168 23.16 13.95 -2.36
C ARG A 168 23.19 14.13 -0.84
N PRO A 169 23.83 13.20 -0.10
CA PRO A 169 23.91 13.28 1.37
C PRO A 169 24.76 14.41 1.95
N GLU A 170 25.51 15.08 1.10
CA GLU A 170 26.33 16.19 1.56
C GLU A 170 26.01 17.33 0.62
N ILE A 171 26.21 18.57 1.07
CA ILE A 171 25.94 19.68 0.20
C ILE A 171 27.20 19.97 -0.61
N SER A 172 27.03 20.31 -1.88
CA SER A 172 28.15 20.61 -2.76
C SER A 172 28.61 22.07 -2.64
N PRO A 173 29.92 22.32 -2.80
CA PRO A 173 30.40 23.72 -2.72
C PRO A 173 29.92 24.52 -3.93
N GLU A 174 29.45 23.82 -4.96
CA GLU A 174 28.94 24.46 -6.17
C GLU A 174 27.59 23.76 -6.41
N PRO A 175 26.61 23.98 -5.52
CA PRO A 175 25.28 23.36 -5.62
C PRO A 175 24.44 23.72 -6.84
N SER A 176 23.77 22.73 -7.42
CA SER A 176 22.91 23.01 -8.57
C SER A 176 21.47 23.02 -8.07
N THR A 177 20.56 23.39 -8.94
CA THR A 177 19.14 23.44 -8.62
C THR A 177 18.43 22.18 -9.13
N PHE A 178 19.18 21.13 -9.45
CA PHE A 178 18.54 19.95 -10.00
C PHE A 178 18.31 18.76 -9.10
N PHE A 179 17.18 18.09 -9.32
CA PHE A 179 16.82 16.87 -8.60
C PHE A 179 17.22 15.75 -9.57
N SER A 180 17.58 14.60 -9.03
CA SER A 180 17.95 13.46 -9.86
C SER A 180 16.66 12.82 -10.33
N ASN A 181 16.79 11.90 -11.28
CA ASN A 181 15.62 11.20 -11.77
C ASN A 181 15.08 10.32 -10.64
N CYS A 182 15.98 9.80 -9.80
CA CYS A 182 15.53 8.97 -8.68
C CYS A 182 14.64 9.78 -7.75
N SER A 183 15.02 11.03 -7.50
CA SER A 183 14.24 11.88 -6.62
C SER A 183 12.85 12.08 -7.19
N TYR A 184 12.78 12.36 -8.49
CA TYR A 184 11.51 12.57 -9.16
C TYR A 184 10.55 11.40 -8.98
N PHE A 185 11.03 10.18 -9.26
CA PHE A 185 10.18 8.98 -9.14
C PHE A 185 9.82 8.63 -7.71
N GLU A 186 10.75 8.78 -6.77
CA GLU A 186 10.44 8.46 -5.39
C GLU A 186 9.42 9.45 -4.84
N CYS A 187 9.53 10.72 -5.24
CA CYS A 187 8.59 11.72 -4.78
C CYS A 187 7.18 11.40 -5.30
N TRP A 188 7.04 11.11 -6.58
CA TRP A 188 5.71 10.81 -7.08
C TRP A 188 5.17 9.46 -6.62
N ASP A 189 6.07 8.53 -6.29
CA ASP A 189 5.65 7.24 -5.77
C ASP A 189 4.97 7.52 -4.44
N PHE A 190 5.58 8.40 -3.65
CA PHE A 190 5.06 8.77 -2.35
C PHE A 190 3.67 9.44 -2.50
N ILE A 191 3.60 10.45 -3.36
CA ILE A 191 2.35 11.16 -3.59
C ILE A 191 1.25 10.21 -4.05
N MET A 192 1.55 9.35 -5.01
CA MET A 192 0.55 8.43 -5.52
C MET A 192 0.13 7.33 -4.54
N ASN A 193 1.06 6.83 -3.71
CA ASN A 193 0.72 5.76 -2.76
C ASN A 193 0.26 6.25 -1.39
N HIS A 194 0.44 7.54 -1.11
CA HIS A 194 0.03 8.08 0.18
C HIS A 194 -0.86 9.28 0.00
N ASN A 195 -0.92 9.77 -1.23
CA ASN A 195 -1.71 10.94 -1.59
C ASN A 195 -1.90 11.92 -0.44
N PRO A 196 -0.88 12.74 -0.17
CA PRO A 196 -1.03 13.71 0.91
C PRO A 196 -2.09 14.71 0.44
N GLU A 197 -3.28 14.63 1.02
CA GLU A 197 -4.39 15.48 0.63
C GLU A 197 -4.21 16.98 0.75
N CYS A 198 -3.48 17.43 1.76
CA CYS A 198 -3.30 18.87 1.98
C CYS A 198 -2.60 19.65 0.88
N ILE A 199 -1.82 18.98 0.03
CA ILE A 199 -1.11 19.70 -1.05
C ILE A 199 -1.87 19.71 -2.37
N LEU A 200 -3.17 19.41 -2.32
CA LEU A 200 -3.98 19.40 -3.54
C LEU A 200 -4.52 20.81 -3.88
N ASN A 201 -4.98 21.55 -2.87
CA ASN A 201 -5.54 22.88 -3.15
C ASN A 201 -4.51 23.89 -3.65
N GLU A 202 -4.98 24.90 -4.36
CA GLU A 202 -4.11 25.93 -4.88
C GLU A 202 -4.33 27.14 -4.00
N PRO A 203 -3.28 27.63 -3.34
CA PRO A 203 -3.46 28.79 -2.47
C PRO A 203 -3.96 30.04 -3.21
N LEU A 204 -4.82 30.81 -2.55
CA LEU A 204 -5.34 32.05 -3.14
C LEU A 204 -4.20 33.05 -3.11
N GLY A 205 -4.22 33.99 -4.03
CA GLY A 205 -3.21 35.02 -4.07
C GLY A 205 -3.07 35.73 -2.73
N THR A 206 -4.18 36.02 -2.08
CA THR A 206 -4.14 36.71 -0.78
C THR A 206 -3.55 35.85 0.33
N ASP A 207 -3.42 34.56 0.09
CA ASP A 207 -2.84 33.67 1.09
C ASP A 207 -1.30 33.74 1.04
N ILE A 208 -0.76 34.05 -0.13
CA ILE A 208 0.69 34.14 -0.34
C ILE A 208 1.22 35.49 0.15
N ILE A 209 2.18 35.45 1.07
CA ILE A 209 2.71 36.67 1.66
C ILE A 209 3.96 37.29 1.02
N SER A 210 4.62 36.57 0.13
CA SER A 210 5.79 37.15 -0.51
C SER A 210 5.34 38.14 -1.58
N PRO A 211 6.22 39.06 -1.99
CA PRO A 211 5.89 40.06 -3.01
C PRO A 211 5.54 39.34 -4.32
N PRO A 212 4.45 39.78 -4.99
CA PRO A 212 4.07 39.13 -6.24
C PRO A 212 5.18 39.06 -7.29
N VAL A 213 5.18 37.96 -8.05
CA VAL A 213 6.16 37.76 -9.10
C VAL A 213 5.40 37.27 -10.33
N CYS A 214 5.32 38.11 -11.34
CA CYS A 214 4.64 37.71 -12.56
C CYS A 214 5.61 36.80 -13.28
N GLY A 215 5.26 35.53 -13.38
CA GLY A 215 6.14 34.59 -14.04
C GLY A 215 6.58 33.44 -13.16
N ASN A 216 6.15 33.41 -11.90
CA ASN A 216 6.55 32.31 -11.01
C ASN A 216 5.53 31.18 -11.04
N GLU A 217 4.57 31.27 -11.96
CA GLU A 217 3.54 30.25 -12.11
C GLU A 217 2.58 30.14 -10.93
N LEU A 218 2.54 31.19 -10.13
CA LEU A 218 1.61 31.25 -8.99
C LEU A 218 0.77 32.51 -9.23
N LEU A 219 -0.55 32.34 -9.21
CA LEU A 219 -1.48 33.45 -9.40
C LEU A 219 -1.48 34.31 -8.15
N GLU A 220 -1.02 35.54 -8.28
CA GLU A 220 -0.94 36.42 -7.13
C GLU A 220 -1.75 37.72 -7.26
N VAL A 221 -1.82 38.47 -6.16
CA VAL A 221 -2.55 39.71 -6.14
C VAL A 221 -2.05 40.64 -7.24
N GLY A 222 -2.99 41.19 -8.00
CA GLY A 222 -2.60 42.08 -9.09
C GLY A 222 -2.36 41.39 -10.43
N GLU A 223 -2.52 40.08 -10.49
CA GLU A 223 -2.32 39.35 -11.73
C GLU A 223 -3.64 38.75 -12.21
N GLU A 224 -3.87 38.75 -13.51
CA GLU A 224 -5.08 38.16 -14.07
C GLU A 224 -4.79 36.69 -14.34
N CYS A 225 -3.51 36.40 -14.59
CA CYS A 225 -3.04 35.06 -14.87
C CYS A 225 -1.52 35.01 -14.77
N ASP A 226 -0.96 33.82 -14.61
CA ASP A 226 0.47 33.62 -14.52
C ASP A 226 0.76 32.24 -15.08
N CYS A 227 1.49 32.19 -16.19
CA CYS A 227 1.79 30.92 -16.82
C CYS A 227 3.29 30.77 -17.01
N GLY A 228 4.06 31.37 -16.09
CA GLY A 228 5.50 31.26 -16.16
C GLY A 228 6.14 32.20 -17.16
N THR A 229 7.35 31.87 -17.58
CA THR A 229 8.07 32.69 -18.54
C THR A 229 7.44 32.54 -19.92
N PRO A 230 7.75 33.49 -20.82
CA PRO A 230 7.21 33.47 -22.19
C PRO A 230 7.58 32.16 -22.85
N GLU A 231 8.79 31.67 -22.53
CA GLU A 231 9.30 30.42 -23.05
C GLU A 231 8.45 29.21 -22.68
N ASN A 232 8.13 29.11 -21.39
CA ASN A 232 7.36 27.99 -20.86
C ASN A 232 5.84 28.07 -20.99
N CYS A 233 5.28 29.27 -20.94
CA CYS A 233 3.84 29.47 -21.00
C CYS A 233 3.08 28.70 -22.09
N GLN A 234 2.09 27.93 -21.65
CA GLN A 234 1.27 27.16 -22.57
C GLN A 234 -0.20 27.55 -22.39
N ASN A 235 -0.43 28.63 -21.62
CA ASN A 235 -1.79 29.11 -21.35
C ASN A 235 -2.17 30.06 -22.48
N GLU A 236 -2.98 29.60 -23.43
CA GLU A 236 -3.36 30.46 -24.56
C GLU A 236 -4.22 31.63 -24.11
N CYS A 237 -4.68 31.58 -22.86
CA CYS A 237 -5.53 32.66 -22.34
C CYS A 237 -4.72 33.79 -21.75
N CYS A 238 -3.42 33.58 -21.62
CA CYS A 238 -2.56 34.54 -20.92
C CYS A 238 -1.35 35.10 -21.66
N ASP A 239 -1.03 36.36 -21.38
CA ASP A 239 0.16 36.94 -21.96
C ASP A 239 1.19 36.81 -20.85
N ALA A 240 2.08 35.82 -20.99
CA ALA A 240 3.09 35.55 -19.96
C ALA A 240 3.83 36.76 -19.43
N ALA A 241 4.44 37.55 -20.32
CA ALA A 241 5.23 38.69 -19.91
C ALA A 241 4.48 39.69 -19.02
N THR A 242 3.17 39.80 -19.19
CA THR A 242 2.41 40.77 -18.40
C THR A 242 1.42 40.22 -17.40
N CYS A 243 1.17 38.92 -17.43
CA CYS A 243 0.21 38.34 -16.51
C CYS A 243 -1.17 38.97 -16.69
N LYS A 244 -1.45 39.37 -17.93
CA LYS A 244 -2.72 39.97 -18.34
C LYS A 244 -3.39 39.02 -19.33
N LEU A 245 -4.72 39.01 -19.33
CA LEU A 245 -5.47 38.15 -20.23
C LEU A 245 -5.33 38.67 -21.66
N LYS A 246 -5.42 37.76 -22.62
CA LYS A 246 -5.31 38.14 -24.03
C LYS A 246 -6.34 37.38 -24.85
N SER A 247 -6.59 37.89 -26.06
CA SER A 247 -7.51 37.28 -27.00
C SER A 247 -8.92 37.16 -26.40
N GLY A 248 -9.69 36.18 -26.86
CA GLY A 248 -11.05 36.01 -26.36
C GLY A 248 -11.08 35.31 -25.01
N SER A 249 -10.50 35.96 -24.00
CA SER A 249 -10.44 35.36 -22.67
C SER A 249 -11.18 36.09 -21.55
N GLN A 250 -12.21 35.45 -21.00
CA GLN A 250 -12.93 36.01 -19.85
C GLN A 250 -12.12 35.66 -18.61
N CYS A 251 -11.29 34.62 -18.72
CA CYS A 251 -10.47 34.14 -17.61
C CYS A 251 -9.34 33.26 -18.12
N GLY A 252 -8.33 33.06 -17.28
CA GLY A 252 -7.20 32.23 -17.65
C GLY A 252 -6.74 31.41 -16.47
N HIS A 253 -7.65 31.12 -15.55
CA HIS A 253 -7.29 30.36 -14.36
C HIS A 253 -8.56 29.99 -13.58
N GLY A 254 -8.48 28.94 -12.77
CA GLY A 254 -9.62 28.54 -11.96
C GLY A 254 -10.42 27.33 -12.42
N ASP A 255 -11.03 26.65 -11.46
CA ASP A 255 -11.81 25.47 -11.76
C ASP A 255 -13.08 25.79 -12.54
N CYS A 256 -13.47 27.07 -12.56
CA CYS A 256 -14.65 27.49 -13.31
C CYS A 256 -14.25 28.30 -14.54
N CYS A 257 -13.10 27.94 -15.13
CA CYS A 257 -12.61 28.58 -16.35
C CYS A 257 -12.32 27.46 -17.34
N GLU A 258 -13.03 27.44 -18.46
CA GLU A 258 -12.86 26.39 -19.48
C GLU A 258 -12.58 27.07 -20.82
N GLN A 259 -11.43 26.76 -21.40
CA GLN A 259 -11.05 27.36 -22.68
C GLN A 259 -11.07 28.88 -22.58
N CYS A 260 -10.61 29.42 -21.45
CA CYS A 260 -10.55 30.87 -21.26
C CYS A 260 -11.88 31.56 -21.03
N LYS A 261 -12.94 30.81 -20.82
CA LYS A 261 -14.24 31.43 -20.58
C LYS A 261 -14.90 30.87 -19.32
N PHE A 262 -15.82 31.66 -18.75
CA PHE A 262 -16.51 31.22 -17.54
C PHE A 262 -17.34 29.97 -17.81
N SER A 263 -17.26 29.00 -16.91
CA SER A 263 -18.08 27.79 -17.02
C SER A 263 -19.51 28.29 -16.79
N LYS A 264 -20.49 27.68 -17.44
CA LYS A 264 -21.86 28.14 -17.25
C LYS A 264 -22.35 27.93 -15.82
N SER A 265 -23.26 28.81 -15.38
CA SER A 265 -23.80 28.72 -14.03
C SER A 265 -24.39 27.34 -13.78
N GLY A 266 -24.15 26.81 -12.58
CA GLY A 266 -24.66 25.50 -12.25
C GLY A 266 -23.65 24.39 -12.44
N THR A 267 -22.64 24.61 -13.27
CA THR A 267 -21.64 23.56 -13.49
C THR A 267 -21.00 23.22 -12.16
N GLU A 268 -20.98 21.93 -11.83
CA GLU A 268 -20.39 21.49 -10.58
C GLU A 268 -18.88 21.70 -10.68
N CYS A 269 -18.26 22.21 -9.61
CA CYS A 269 -16.82 22.41 -9.64
C CYS A 269 -16.08 21.73 -8.47
N ARG A 270 -16.84 21.33 -7.45
CA ARG A 270 -16.25 20.56 -6.35
C ARG A 270 -17.32 19.56 -5.93
N ALA A 271 -17.07 18.29 -6.25
CA ALA A 271 -17.99 17.20 -5.96
C ALA A 271 -18.26 16.98 -4.48
N SER A 272 -19.46 16.48 -4.17
CA SER A 272 -19.87 16.20 -2.80
C SER A 272 -19.26 14.91 -2.22
N MET A 273 -18.60 15.03 -1.06
CA MET A 273 -18.00 13.87 -0.40
C MET A 273 -19.08 13.01 0.23
N SER A 274 -20.17 13.63 0.67
CA SER A 274 -21.27 12.94 1.29
C SER A 274 -22.43 13.90 1.51
N GLU A 275 -23.55 13.40 2.04
CA GLU A 275 -24.70 14.27 2.30
C GLU A 275 -24.31 15.40 3.23
N CYS A 276 -23.19 15.25 3.95
CA CYS A 276 -22.74 16.29 4.87
C CYS A 276 -21.91 17.35 4.19
N ASP A 277 -21.64 17.13 2.90
CA ASP A 277 -20.81 18.06 2.12
C ASP A 277 -21.53 18.53 0.85
N PRO A 278 -22.12 19.72 0.89
CA PRO A 278 -22.80 20.18 -0.33
C PRO A 278 -21.79 20.46 -1.45
N ALA A 279 -22.16 20.11 -2.67
CA ALA A 279 -21.26 20.37 -3.80
C ALA A 279 -21.29 21.86 -4.12
N GLU A 280 -20.17 22.38 -4.62
CA GLU A 280 -20.12 23.81 -5.00
C GLU A 280 -20.26 23.89 -6.51
N HIS A 281 -20.85 24.98 -6.99
CA HIS A 281 -21.08 25.16 -8.41
C HIS A 281 -20.57 26.50 -8.93
N CYS A 282 -20.30 26.55 -10.23
CA CYS A 282 -19.83 27.78 -10.85
C CYS A 282 -21.00 28.74 -11.00
N THR A 283 -20.71 30.03 -10.82
CA THR A 283 -21.71 31.09 -10.92
C THR A 283 -22.04 31.45 -12.38
N GLY A 284 -21.10 31.15 -13.28
CA GLY A 284 -21.30 31.50 -14.68
C GLY A 284 -20.69 32.87 -14.97
N GLN A 285 -20.35 33.60 -13.91
CA GLN A 285 -19.77 34.93 -14.05
C GLN A 285 -18.44 35.07 -13.32
N SER A 286 -17.89 33.95 -12.85
CA SER A 286 -16.61 33.97 -12.14
C SER A 286 -15.76 32.78 -12.56
N SER A 287 -14.45 32.93 -12.53
CA SER A 287 -13.56 31.86 -12.94
C SER A 287 -13.19 30.86 -11.83
N GLU A 288 -13.55 31.19 -10.60
CA GLU A 288 -13.21 30.33 -9.46
C GLU A 288 -14.40 29.60 -8.84
N CYS A 289 -14.11 28.44 -8.25
CA CYS A 289 -15.13 27.63 -7.59
C CYS A 289 -15.24 28.21 -6.20
N PRO A 290 -16.46 28.39 -5.71
CA PRO A 290 -16.59 28.94 -4.35
C PRO A 290 -15.84 28.07 -3.36
N ALA A 291 -15.50 28.66 -2.22
CA ALA A 291 -14.79 27.95 -1.17
C ALA A 291 -15.62 26.73 -0.76
N ASP A 292 -14.93 25.68 -0.32
CA ASP A 292 -15.63 24.46 0.07
C ASP A 292 -16.49 24.64 1.32
N VAL A 293 -17.78 24.41 1.17
CA VAL A 293 -18.72 24.50 2.29
C VAL A 293 -19.09 23.09 2.74
N PHE A 294 -19.24 22.92 4.05
CA PHE A 294 -19.64 21.65 4.69
C PHE A 294 -20.89 21.99 5.51
N HIS A 295 -21.79 21.04 5.68
CA HIS A 295 -22.98 21.29 6.51
C HIS A 295 -22.51 21.28 7.96
N LYS A 296 -23.30 21.88 8.85
CA LYS A 296 -22.96 21.96 10.27
C LYS A 296 -22.72 20.58 10.90
N ASN A 297 -21.66 20.47 11.68
CA ASN A 297 -21.37 19.24 12.38
C ASN A 297 -22.53 18.93 13.33
N GLY A 298 -22.88 17.66 13.48
CA GLY A 298 -23.97 17.32 14.39
C GLY A 298 -25.28 17.08 13.68
N GLN A 299 -25.32 17.44 12.40
CA GLN A 299 -26.52 17.25 11.61
C GLN A 299 -26.67 15.74 11.36
N PRO A 300 -27.90 15.22 11.55
CA PRO A 300 -28.20 13.80 11.34
C PRO A 300 -27.90 13.40 9.89
N CYS A 301 -27.30 12.24 9.69
CA CYS A 301 -26.97 11.78 8.36
C CYS A 301 -27.09 10.26 8.24
N LEU A 302 -27.09 9.75 7.01
CA LEU A 302 -27.24 8.32 6.74
C LEU A 302 -28.49 7.76 7.44
N ASP A 303 -29.62 8.42 7.21
CA ASP A 303 -30.89 8.02 7.78
C ASP A 303 -30.78 7.76 9.28
N ASN A 304 -30.21 8.74 9.98
CA ASN A 304 -30.05 8.72 11.42
C ASN A 304 -29.12 7.67 12.04
N TYR A 305 -28.14 7.19 11.30
CA TYR A 305 -27.17 6.23 11.83
C TYR A 305 -25.91 6.98 12.20
N GLY A 306 -25.88 8.27 11.85
CA GLY A 306 -24.73 9.08 12.17
C GLY A 306 -25.05 10.56 12.30
N TYR A 307 -24.00 11.35 12.56
CA TYR A 307 -24.13 12.80 12.66
C TYR A 307 -22.94 13.38 11.89
N CYS A 308 -23.17 14.46 11.17
CA CYS A 308 -22.11 15.07 10.37
C CYS A 308 -20.84 15.52 11.12
N TYR A 309 -19.70 15.28 10.47
CA TYR A 309 -18.41 15.67 11.01
C TYR A 309 -17.48 16.05 9.85
N ASN A 310 -17.12 17.32 9.81
CA ASN A 310 -16.27 17.86 8.77
C ASN A 310 -16.53 17.30 7.38
N GLY A 311 -17.77 17.47 6.92
CA GLY A 311 -18.15 17.03 5.59
C GLY A 311 -18.37 15.56 5.34
N ASN A 312 -18.25 14.72 6.37
CA ASN A 312 -18.46 13.28 6.23
C ASN A 312 -19.44 12.78 7.31
N CYS A 313 -19.87 11.52 7.21
CA CYS A 313 -20.79 10.95 8.17
C CYS A 313 -20.19 9.66 8.72
N PRO A 314 -19.24 9.78 9.66
CA PRO A 314 -18.57 8.62 10.26
C PRO A 314 -19.43 7.74 11.13
N ILE A 315 -19.54 6.46 10.76
CA ILE A 315 -20.33 5.52 11.55
C ILE A 315 -19.48 4.27 11.73
N MET A 316 -19.74 3.55 12.82
CA MET A 316 -18.99 2.36 13.09
C MET A 316 -19.05 1.29 12.02
N TYR A 317 -20.19 1.10 11.37
CA TYR A 317 -20.29 0.08 10.32
C TYR A 317 -19.25 0.31 9.23
N HIS A 318 -19.20 1.52 8.70
CA HIS A 318 -18.24 1.84 7.65
C HIS A 318 -16.80 1.75 8.11
N GLN A 319 -16.55 2.11 9.37
CA GLN A 319 -15.18 2.01 9.89
C GLN A 319 -14.77 0.54 9.98
N CYS A 320 -15.69 -0.32 10.39
CA CYS A 320 -15.37 -1.75 10.45
C CYS A 320 -15.05 -2.26 9.05
N TYR A 321 -15.88 -1.83 8.09
CA TYR A 321 -15.67 -2.23 6.69
C TYR A 321 -14.32 -1.76 6.16
N ASP A 322 -13.99 -0.48 6.35
CA ASP A 322 -12.73 0.04 5.85
C ASP A 322 -11.52 -0.67 6.45
N LEU A 323 -11.63 -1.07 7.70
CA LEU A 323 -10.52 -1.74 8.35
C LEU A 323 -10.42 -3.23 8.04
N PHE A 324 -11.55 -3.92 8.03
CA PHE A 324 -11.52 -5.36 7.84
C PHE A 324 -12.17 -5.99 6.61
N GLY A 325 -12.84 -5.18 5.79
CA GLY A 325 -13.47 -5.71 4.60
C GLY A 325 -14.90 -6.20 4.84
N ALA A 326 -15.40 -7.01 3.90
CA ALA A 326 -16.76 -7.53 3.96
C ALA A 326 -17.05 -8.46 5.12
N ASP A 327 -18.33 -8.56 5.45
CA ASP A 327 -18.84 -9.42 6.51
C ASP A 327 -18.37 -9.08 7.92
N VAL A 328 -17.94 -7.84 8.12
CA VAL A 328 -17.48 -7.40 9.44
C VAL A 328 -18.33 -6.20 9.91
N TYR A 329 -18.94 -6.32 11.09
CA TYR A 329 -19.80 -5.26 11.60
C TYR A 329 -19.48 -4.80 13.00
N GLU A 330 -20.19 -3.77 13.47
CA GLU A 330 -19.95 -3.27 14.82
C GLU A 330 -20.14 -4.43 15.79
N ALA A 331 -19.22 -4.57 16.74
CA ALA A 331 -19.28 -5.66 17.71
C ALA A 331 -20.35 -5.36 18.76
N GLU A 332 -20.62 -6.34 19.61
CA GLU A 332 -21.58 -6.18 20.70
C GLU A 332 -20.96 -5.21 21.71
N ASP A 333 -21.82 -4.51 22.44
CA ASP A 333 -21.36 -3.55 23.44
C ASP A 333 -20.31 -4.13 24.37
N SER A 334 -20.51 -5.37 24.82
CA SER A 334 -19.58 -6.00 25.74
C SER A 334 -18.13 -5.94 25.28
N CYS A 335 -17.90 -5.96 23.97
CA CYS A 335 -16.54 -5.93 23.45
C CYS A 335 -15.80 -4.64 23.83
N PHE A 336 -16.53 -3.51 23.81
CA PHE A 336 -15.96 -2.20 24.11
C PHE A 336 -15.54 -1.97 25.55
N GLU A 337 -15.97 -2.86 26.44
CA GLU A 337 -15.59 -2.74 27.84
C GLU A 337 -14.06 -2.88 27.96
N ARG A 338 -13.47 -3.56 26.99
CA ARG A 338 -12.02 -3.77 26.98
C ARG A 338 -11.28 -2.44 26.95
N ASN A 339 -11.98 -1.37 26.54
CA ASN A 339 -11.37 -0.05 26.47
C ASN A 339 -11.12 0.54 27.85
N GLN A 340 -11.63 -0.12 28.89
CA GLN A 340 -11.42 0.35 30.25
C GLN A 340 -10.10 -0.21 30.79
N LYS A 341 -9.50 -1.15 30.05
CA LYS A 341 -8.24 -1.76 30.51
C LYS A 341 -7.11 -0.77 30.63
N GLY A 342 -7.04 0.15 29.67
CA GLY A 342 -5.96 1.12 29.67
C GLY A 342 -4.68 0.43 29.24
N ASN A 343 -4.79 -0.71 28.55
CA ASN A 343 -3.62 -1.44 28.08
C ASN A 343 -3.13 -0.94 26.72
N TYR A 344 -2.29 -1.71 26.03
CA TYR A 344 -1.74 -1.23 24.77
C TYR A 344 -2.70 -0.86 23.66
N TYR A 345 -3.87 -1.50 23.61
CA TYR A 345 -4.87 -1.23 22.58
C TYR A 345 -6.20 -0.71 23.14
N GLY A 346 -6.50 -1.07 24.37
CA GLY A 346 -7.75 -0.67 24.97
C GLY A 346 -7.68 0.57 25.84
N TYR A 347 -7.95 1.73 25.26
CA TYR A 347 -7.93 3.02 25.97
C TYR A 347 -8.78 4.02 25.18
N CYS A 348 -8.97 5.22 25.73
CA CYS A 348 -9.77 6.24 25.06
C CYS A 348 -8.99 7.37 24.44
N ARG A 349 -7.85 7.71 25.05
CA ARG A 349 -7.02 8.78 24.54
C ARG A 349 -5.68 8.77 25.25
N LYS A 350 -4.81 9.68 24.85
CA LYS A 350 -3.48 9.78 25.46
C LYS A 350 -3.22 11.12 26.12
N GLU A 351 -2.53 11.10 27.24
CA GLU A 351 -2.17 12.31 27.97
C GLU A 351 -0.69 12.22 28.26
N ASN A 352 0.07 13.19 27.76
CA ASN A 352 1.50 13.19 27.97
C ASN A 352 2.04 11.81 27.61
N GLY A 353 1.53 11.26 26.51
CA GLY A 353 1.98 9.96 26.06
C GLY A 353 1.39 8.75 26.76
N ASN A 354 0.67 8.97 27.86
CA ASN A 354 0.06 7.84 28.57
C ASN A 354 -1.28 7.49 27.94
N LYS A 355 -1.59 6.19 27.92
CA LYS A 355 -2.85 5.72 27.37
C LYS A 355 -3.87 5.73 28.51
N ILE A 356 -4.95 6.47 28.33
CA ILE A 356 -5.98 6.57 29.37
C ILE A 356 -7.19 5.68 29.14
N PRO A 357 -7.51 4.81 30.12
CA PRO A 357 -8.66 3.93 29.98
C PRO A 357 -9.94 4.74 29.82
N CYS A 358 -10.92 4.16 29.12
CA CYS A 358 -12.20 4.84 28.93
C CYS A 358 -13.02 4.73 30.21
N ALA A 359 -13.71 5.81 30.57
CA ALA A 359 -14.60 5.75 31.71
C ALA A 359 -15.68 4.86 31.10
N PRO A 360 -16.52 4.22 31.92
CA PRO A 360 -17.57 3.34 31.39
C PRO A 360 -18.49 4.00 30.36
N GLU A 361 -18.75 5.28 30.54
CA GLU A 361 -19.65 5.95 29.61
C GLU A 361 -18.97 6.32 28.29
N ASP A 362 -17.65 6.19 28.23
CA ASP A 362 -16.91 6.53 27.01
C ASP A 362 -16.35 5.34 26.22
N VAL A 363 -16.66 4.11 26.66
CA VAL A 363 -16.14 2.92 26.00
C VAL A 363 -16.32 2.89 24.48
N LYS A 364 -17.44 3.41 23.98
CA LYS A 364 -17.70 3.41 22.55
C LYS A 364 -16.85 4.41 21.76
N CYS A 365 -15.97 5.14 22.45
CA CYS A 365 -15.14 6.12 21.76
C CYS A 365 -13.62 5.84 21.81
N GLY A 366 -13.25 4.63 22.22
CA GLY A 366 -11.84 4.29 22.26
C GLY A 366 -11.53 3.44 21.04
N ARG A 367 -10.91 2.28 21.28
CA ARG A 367 -10.59 1.37 20.20
C ARG A 367 -11.93 0.84 19.70
N LEU A 368 -12.02 0.67 18.39
CA LEU A 368 -13.23 0.15 17.76
C LEU A 368 -13.17 -1.39 17.74
N TYR A 369 -14.31 -2.01 18.03
CA TYR A 369 -14.38 -3.46 18.00
C TYR A 369 -15.43 -3.88 17.00
N CYS A 370 -15.08 -4.84 16.15
CA CYS A 370 -16.00 -5.33 15.14
C CYS A 370 -16.20 -6.84 15.25
N LYS A 371 -17.38 -7.30 14.84
CA LYS A 371 -17.73 -8.70 14.85
C LYS A 371 -17.33 -9.23 13.47
N ASP A 372 -16.40 -10.18 13.43
CA ASP A 372 -15.92 -10.71 12.17
C ASP A 372 -16.58 -12.01 11.79
N ASN A 373 -17.39 -11.97 10.74
CA ASN A 373 -18.06 -13.16 10.28
C ASN A 373 -17.69 -13.43 8.82
N SER A 374 -16.50 -12.99 8.42
CA SER A 374 -16.01 -13.21 7.05
C SER A 374 -15.73 -14.71 6.90
N PRO A 375 -15.49 -15.18 5.67
CA PRO A 375 -15.23 -16.61 5.45
C PRO A 375 -14.28 -17.30 6.43
N GLY A 376 -14.80 -18.34 7.06
CA GLY A 376 -14.02 -19.13 8.01
C GLY A 376 -13.56 -18.44 9.26
N GLN A 377 -14.19 -17.32 9.61
CA GLN A 377 -13.82 -16.54 10.80
C GLN A 377 -14.96 -16.42 11.79
N ASN A 378 -14.58 -16.29 13.06
CA ASN A 378 -15.53 -16.12 14.14
C ASN A 378 -14.82 -15.38 15.27
N ASN A 379 -14.75 -14.07 15.14
CA ASN A 379 -14.12 -13.22 16.14
C ASN A 379 -15.12 -12.11 16.41
N PRO A 380 -15.84 -12.20 17.53
CA PRO A 380 -16.86 -11.24 17.97
C PRO A 380 -16.29 -9.88 18.39
N CYS A 381 -15.04 -9.87 18.84
CA CYS A 381 -14.40 -8.61 19.27
C CYS A 381 -13.09 -8.32 18.54
N LYS A 382 -13.13 -8.25 17.22
CA LYS A 382 -11.92 -7.97 16.46
C LYS A 382 -11.63 -6.47 16.49
N MET A 383 -10.35 -6.14 16.64
CA MET A 383 -9.97 -4.74 16.61
C MET A 383 -8.68 -4.61 15.83
N PHE A 384 -8.35 -3.39 15.43
CA PHE A 384 -7.12 -3.16 14.70
C PHE A 384 -6.10 -2.41 15.53
N TYR A 385 -4.92 -2.98 15.67
CA TYR A 385 -3.84 -2.34 16.39
C TYR A 385 -2.49 -2.60 15.71
N SER A 386 -1.77 -1.51 15.44
CA SER A 386 -0.43 -1.56 14.84
C SER A 386 0.36 -0.44 15.50
N ASN A 387 1.58 -0.73 15.92
CA ASN A 387 2.38 0.30 16.56
C ASN A 387 3.02 1.24 15.56
N GLU A 388 2.66 1.08 14.29
CA GLU A 388 3.16 1.96 13.24
C GLU A 388 2.37 3.27 13.40
N ASP A 389 1.13 3.15 13.86
CA ASP A 389 0.23 4.28 14.11
C ASP A 389 -0.91 3.78 14.97
N GLU A 390 -0.74 3.88 16.28
CA GLU A 390 -1.73 3.38 17.23
C GLU A 390 -3.11 4.01 17.11
N HIS A 391 -3.21 5.16 16.44
CA HIS A 391 -4.51 5.79 16.29
C HIS A 391 -5.39 5.09 15.26
N LYS A 392 -4.79 4.37 14.31
CA LYS A 392 -5.58 3.63 13.33
C LYS A 392 -6.33 2.51 14.06
N GLY A 393 -7.65 2.45 13.88
CA GLY A 393 -8.43 1.45 14.57
C GLY A 393 -9.22 2.07 15.71
N MET A 394 -8.88 3.30 16.09
CA MET A 394 -9.61 4.00 17.15
C MET A 394 -10.88 4.57 16.54
N VAL A 395 -11.95 4.63 17.31
CA VAL A 395 -13.21 5.17 16.78
C VAL A 395 -12.96 6.59 16.27
N LEU A 396 -13.42 6.90 15.05
CA LEU A 396 -13.19 8.23 14.50
C LEU A 396 -13.91 9.37 15.23
N PRO A 397 -13.26 10.52 15.31
CA PRO A 397 -13.94 11.63 15.99
C PRO A 397 -15.26 11.95 15.25
N GLY A 398 -16.30 12.27 16.02
CA GLY A 398 -17.58 12.61 15.42
C GLY A 398 -18.51 11.43 15.20
N THR A 399 -18.01 10.23 15.46
CA THR A 399 -18.77 9.00 15.28
C THR A 399 -19.91 8.89 16.29
N LYS A 400 -21.10 8.55 15.82
CA LYS A 400 -22.27 8.37 16.69
C LYS A 400 -21.99 7.20 17.65
N CYS A 401 -22.05 7.46 18.96
CA CYS A 401 -21.76 6.44 19.98
C CYS A 401 -22.97 5.98 20.79
N ALA A 402 -24.12 6.61 20.55
CA ALA A 402 -25.38 6.28 21.22
C ALA A 402 -26.42 7.20 20.63
N ASP A 403 -27.69 6.94 20.91
CA ASP A 403 -28.77 7.78 20.43
C ASP A 403 -28.49 9.20 20.94
N GLY A 404 -28.41 10.17 20.02
CA GLY A 404 -28.14 11.53 20.43
C GLY A 404 -26.73 11.83 20.93
N LYS A 405 -25.77 10.92 20.73
CA LYS A 405 -24.41 11.17 21.19
C LYS A 405 -23.34 10.89 20.13
N VAL A 406 -22.20 11.58 20.25
CA VAL A 406 -21.07 11.42 19.32
C VAL A 406 -19.77 11.44 20.10
N CYS A 407 -18.71 10.94 19.48
CA CYS A 407 -17.41 10.94 20.13
C CYS A 407 -16.71 12.26 19.86
N SER A 408 -16.08 12.79 20.90
CA SER A 408 -15.35 14.04 20.83
C SER A 408 -14.23 13.91 21.83
N ASN A 409 -13.00 13.83 21.35
CA ASN A 409 -11.85 13.69 22.25
C ASN A 409 -11.87 12.50 23.14
N GLY A 410 -12.33 11.36 22.64
CA GLY A 410 -12.34 10.17 23.46
C GLY A 410 -13.52 10.11 24.41
N HIS A 411 -14.45 11.06 24.29
CA HIS A 411 -15.63 11.08 25.14
C HIS A 411 -16.93 10.96 24.33
N CYS A 412 -17.86 10.15 24.82
CA CYS A 412 -19.15 10.02 24.16
C CYS A 412 -20.05 11.11 24.78
N VAL A 413 -20.29 12.18 24.03
CA VAL A 413 -21.10 13.30 24.54
C VAL A 413 -22.34 13.64 23.73
N ASP A 414 -23.29 14.32 24.37
CA ASP A 414 -24.52 14.74 23.72
C ASP A 414 -24.16 15.48 22.45
N VAL A 415 -24.80 15.10 21.35
CA VAL A 415 -24.50 15.74 20.08
C VAL A 415 -24.97 17.18 20.03
N ALA A 416 -26.03 17.49 20.76
CA ALA A 416 -26.56 18.85 20.77
C ALA A 416 -25.57 19.87 21.33
N THR A 417 -24.71 19.45 22.25
CA THR A 417 -23.74 20.38 22.82
C THR A 417 -22.29 20.06 22.41
N ALA A 418 -22.12 19.15 21.46
CA ALA A 418 -20.79 18.75 21.02
C ALA A 418 -20.15 19.75 20.08
N TYR A 419 -20.99 20.47 19.33
CA TYR A 419 -20.53 21.45 18.36
C TYR A 419 -21.18 22.83 18.59
N PRO B 6 3.06 -11.77 -19.50
CA PRO B 6 1.93 -10.95 -19.01
C PRO B 6 0.81 -11.75 -18.34
N PHE B 7 0.80 -13.06 -18.56
CA PHE B 7 -0.23 -13.90 -17.97
C PHE B 7 0.27 -14.54 -16.68
N ARG B 8 -0.51 -14.46 -15.61
CA ARG B 8 -0.16 -15.12 -14.36
C ARG B 8 -0.77 -16.52 -14.48
N PHE B 9 -0.26 -17.49 -13.72
CA PHE B 9 -0.75 -18.86 -13.79
C PHE B 9 -1.15 -19.40 -12.42
N VAL B 10 -2.36 -19.95 -12.31
CA VAL B 10 -2.78 -20.54 -11.05
C VAL B 10 -2.68 -22.06 -11.15
N GLU B 11 -1.77 -22.66 -10.39
CA GLU B 11 -1.60 -24.11 -10.37
C GLU B 11 -2.58 -24.64 -9.35
N LEU B 12 -3.66 -25.20 -9.87
CA LEU B 12 -4.76 -25.69 -9.08
C LEU B 12 -4.82 -27.16 -8.72
N VAL B 13 -5.16 -27.43 -7.46
CA VAL B 13 -5.36 -28.79 -7.01
C VAL B 13 -6.83 -28.85 -6.58
N LEU B 14 -7.56 -29.81 -7.12
CA LEU B 14 -8.98 -29.98 -6.75
C LEU B 14 -9.12 -31.19 -5.85
N VAL B 15 -10.08 -31.13 -4.92
CA VAL B 15 -10.36 -32.23 -4.01
C VAL B 15 -11.86 -32.53 -4.09
N VAL B 16 -12.20 -33.81 -4.26
CA VAL B 16 -13.60 -34.23 -4.35
C VAL B 16 -13.99 -35.04 -3.10
N ASP B 17 -15.05 -34.63 -2.40
CA ASP B 17 -15.43 -35.34 -1.17
C ASP B 17 -16.16 -36.65 -1.42
N LYS B 18 -16.32 -37.45 -0.36
CA LYS B 18 -16.98 -38.75 -0.47
C LYS B 18 -18.43 -38.67 -0.92
N ALA B 19 -19.11 -37.61 -0.52
CA ALA B 19 -20.50 -37.46 -0.92
C ALA B 19 -20.58 -37.32 -2.45
N MET B 20 -19.65 -36.56 -3.04
CA MET B 20 -19.72 -36.41 -4.49
C MET B 20 -19.39 -37.72 -5.20
N VAL B 21 -18.49 -38.51 -4.63
CA VAL B 21 -18.15 -39.79 -5.21
C VAL B 21 -19.41 -40.68 -5.20
N THR B 22 -20.03 -40.79 -4.02
CA THR B 22 -21.24 -41.59 -3.86
C THR B 22 -22.36 -41.13 -4.80
N LYS B 23 -22.56 -39.82 -4.87
CA LYS B 23 -23.59 -39.23 -5.74
C LYS B 23 -23.41 -39.72 -7.19
N ASN B 24 -22.15 -39.93 -7.58
CA ASN B 24 -21.82 -40.40 -8.94
C ASN B 24 -21.59 -41.90 -9.04
N ASN B 25 -22.15 -42.62 -8.07
CA ASN B 25 -22.06 -44.09 -7.98
C ASN B 25 -20.63 -44.63 -8.10
N GLY B 26 -19.68 -43.91 -7.50
CA GLY B 26 -18.28 -44.33 -7.49
C GLY B 26 -17.55 -44.30 -8.83
N ASP B 27 -18.14 -43.68 -9.84
CA ASP B 27 -17.53 -43.63 -11.15
C ASP B 27 -16.49 -42.51 -11.20
N LEU B 28 -15.24 -42.82 -10.88
CA LEU B 28 -14.21 -41.78 -10.89
C LEU B 28 -13.88 -41.22 -12.27
N ASP B 29 -14.03 -42.03 -13.31
CA ASP B 29 -13.75 -41.54 -14.65
C ASP B 29 -14.70 -40.39 -14.97
N LYS B 30 -15.97 -40.57 -14.59
CA LYS B 30 -17.02 -39.58 -14.79
C LYS B 30 -16.70 -38.33 -13.98
N ILE B 31 -16.29 -38.53 -12.73
CA ILE B 31 -15.94 -37.42 -11.86
C ILE B 31 -14.72 -36.67 -12.41
N LYS B 32 -13.69 -37.42 -12.78
CA LYS B 32 -12.48 -36.77 -13.30
C LYS B 32 -12.76 -35.98 -14.57
N THR B 33 -13.60 -36.52 -15.44
CA THR B 33 -13.95 -35.86 -16.69
C THR B 33 -14.67 -34.55 -16.37
N ARG B 34 -15.55 -34.58 -15.37
CA ARG B 34 -16.27 -33.37 -14.97
C ARG B 34 -15.23 -32.34 -14.54
N MET B 35 -14.29 -32.76 -13.69
CA MET B 35 -13.27 -31.84 -13.19
C MET B 35 -12.45 -31.20 -14.32
N TYR B 36 -12.06 -31.98 -15.32
CA TYR B 36 -11.27 -31.44 -16.43
C TYR B 36 -12.06 -30.40 -17.20
N GLU B 37 -13.31 -30.73 -17.54
CA GLU B 37 -14.19 -29.82 -18.28
C GLU B 37 -14.42 -28.54 -17.52
N ILE B 38 -14.69 -28.66 -16.23
CA ILE B 38 -14.93 -27.48 -15.41
C ILE B 38 -13.71 -26.57 -15.38
N VAL B 39 -12.53 -27.14 -15.14
CA VAL B 39 -11.34 -26.31 -15.09
C VAL B 39 -11.00 -25.69 -16.46
N ASN B 40 -11.30 -26.39 -17.55
CA ASN B 40 -11.03 -25.87 -18.89
C ASN B 40 -11.85 -24.59 -19.04
N THR B 41 -13.11 -24.65 -18.62
CA THR B 41 -14.00 -23.49 -18.70
C THR B 41 -13.50 -22.37 -17.80
N VAL B 42 -13.07 -22.70 -16.58
CA VAL B 42 -12.55 -21.67 -15.70
C VAL B 42 -11.33 -21.03 -16.38
N ASN B 43 -10.50 -21.83 -17.03
CA ASN B 43 -9.33 -21.27 -17.72
C ASN B 43 -9.78 -20.27 -18.78
N GLU B 44 -10.85 -20.59 -19.51
CA GLU B 44 -11.36 -19.70 -20.55
C GLU B 44 -11.99 -18.44 -19.97
N ILE B 45 -12.67 -18.56 -18.83
CA ILE B 45 -13.29 -17.41 -18.17
C ILE B 45 -12.23 -16.39 -17.75
N TYR B 46 -11.09 -16.87 -17.28
CA TYR B 46 -10.01 -15.99 -16.81
C TYR B 46 -9.06 -15.42 -17.88
N ARG B 47 -9.24 -15.84 -19.13
CA ARG B 47 -8.39 -15.37 -20.21
C ARG B 47 -8.34 -13.85 -20.24
N TYR B 48 -9.48 -13.21 -20.11
CA TYR B 48 -9.52 -11.75 -20.13
C TYR B 48 -8.87 -11.10 -18.92
N MET B 49 -8.74 -11.84 -17.82
CA MET B 49 -8.12 -11.29 -16.62
C MET B 49 -6.60 -11.48 -16.69
N TYR B 50 -6.13 -12.07 -17.78
CA TYR B 50 -4.72 -12.36 -17.99
C TYR B 50 -4.21 -13.38 -16.99
N ILE B 51 -5.05 -14.36 -16.72
CA ILE B 51 -4.72 -15.44 -15.79
C ILE B 51 -5.13 -16.75 -16.43
N HIS B 52 -4.24 -17.74 -16.38
CA HIS B 52 -4.57 -19.05 -16.90
C HIS B 52 -4.69 -19.94 -15.68
N VAL B 53 -5.60 -20.90 -15.73
CA VAL B 53 -5.80 -21.83 -14.61
C VAL B 53 -5.48 -23.24 -15.13
N ALA B 54 -4.56 -23.92 -14.45
CA ALA B 54 -4.18 -25.27 -14.86
C ALA B 54 -4.32 -26.25 -13.71
N LEU B 55 -4.93 -27.41 -13.99
CA LEU B 55 -5.10 -28.45 -12.96
C LEU B 55 -3.79 -29.26 -12.85
N VAL B 56 -3.13 -29.18 -11.70
CA VAL B 56 -1.89 -29.93 -11.49
C VAL B 56 -2.05 -31.04 -10.47
N GLY B 57 -3.24 -31.15 -9.89
CA GLY B 57 -3.48 -32.19 -8.92
C GLY B 57 -4.98 -32.41 -8.75
N LEU B 58 -5.36 -33.64 -8.45
CA LEU B 58 -6.77 -34.01 -8.24
C LEU B 58 -6.80 -35.15 -7.22
N GLU B 59 -7.32 -34.86 -6.02
CA GLU B 59 -7.42 -35.89 -4.98
C GLU B 59 -8.90 -36.19 -4.74
N ILE B 60 -9.23 -37.48 -4.76
CA ILE B 60 -10.60 -37.92 -4.56
C ILE B 60 -10.76 -38.75 -3.30
N TRP B 61 -11.59 -38.26 -2.39
CA TRP B 61 -11.82 -38.94 -1.10
C TRP B 61 -12.87 -40.04 -1.23
N SER B 62 -12.52 -41.06 -2.02
CA SER B 62 -13.44 -42.16 -2.28
C SER B 62 -13.63 -43.09 -1.09
N ASN B 63 -12.63 -43.18 -0.22
CA ASN B 63 -12.80 -44.06 0.92
C ASN B 63 -13.49 -43.28 2.04
N GLU B 64 -12.84 -42.25 2.56
CA GLU B 64 -13.41 -41.44 3.62
C GLU B 64 -12.89 -40.02 3.49
N ASP B 65 -13.71 -39.03 3.84
CA ASP B 65 -13.27 -37.63 3.79
C ASP B 65 -12.11 -37.49 4.75
N LYS B 66 -11.19 -36.58 4.45
CA LYS B 66 -10.05 -36.37 5.34
C LYS B 66 -10.30 -35.27 6.37
N ILE B 67 -11.43 -34.59 6.26
CA ILE B 67 -11.84 -33.57 7.26
C ILE B 67 -13.33 -33.86 7.43
N THR B 68 -13.95 -33.26 8.44
CA THR B 68 -15.37 -33.49 8.61
C THR B 68 -16.02 -32.42 7.73
N VAL B 69 -16.61 -32.84 6.61
CA VAL B 69 -17.27 -31.92 5.70
C VAL B 69 -18.65 -31.63 6.25
N LYS B 70 -18.81 -30.47 6.89
CA LYS B 70 -20.10 -30.09 7.46
C LYS B 70 -20.81 -29.04 6.61
N PRO B 71 -22.14 -28.95 6.73
CA PRO B 71 -22.92 -27.99 5.98
C PRO B 71 -22.58 -26.55 6.35
N GLU B 72 -22.05 -26.33 7.55
CA GLU B 72 -21.66 -24.98 7.93
C GLU B 72 -20.38 -24.68 7.15
N ALA B 73 -20.52 -23.91 6.08
CA ALA B 73 -19.40 -23.59 5.20
C ALA B 73 -18.16 -22.99 5.89
N GLY B 74 -18.37 -22.15 6.89
CA GLY B 74 -17.25 -21.53 7.57
C GLY B 74 -16.38 -22.60 8.20
N TYR B 75 -17.03 -23.57 8.83
CA TYR B 75 -16.30 -24.66 9.49
C TYR B 75 -15.51 -25.47 8.45
N THR B 76 -16.19 -25.89 7.41
CA THR B 76 -15.55 -26.69 6.37
C THR B 76 -14.39 -26.00 5.68
N LEU B 77 -14.57 -24.73 5.31
CA LEU B 77 -13.49 -23.97 4.67
C LEU B 77 -12.25 -23.92 5.59
N ASN B 78 -12.47 -23.60 6.86
CA ASN B 78 -11.35 -23.53 7.79
C ASN B 78 -10.67 -24.89 7.91
N ALA B 79 -11.46 -25.95 8.05
CA ALA B 79 -10.88 -27.29 8.15
C ALA B 79 -10.16 -27.65 6.84
N PHE B 80 -10.72 -27.26 5.70
CA PHE B 80 -10.06 -27.57 4.43
C PHE B 80 -8.75 -26.79 4.29
N GLY B 81 -8.72 -25.55 4.76
CA GLY B 81 -7.51 -24.76 4.68
C GLY B 81 -6.44 -25.34 5.59
N GLU B 82 -6.83 -25.75 6.79
CA GLU B 82 -5.88 -26.35 7.74
C GLU B 82 -5.30 -27.63 7.16
N TRP B 83 -6.17 -28.47 6.60
CA TRP B 83 -5.73 -29.73 6.01
C TRP B 83 -4.77 -29.46 4.84
N ARG B 84 -5.07 -28.44 4.05
CA ARG B 84 -4.24 -28.10 2.89
C ARG B 84 -2.82 -27.65 3.33
N LYS B 85 -2.78 -26.86 4.39
CA LYS B 85 -1.53 -26.34 4.94
C LYS B 85 -0.67 -27.42 5.59
N THR B 86 -1.29 -28.31 6.34
CA THR B 86 -0.55 -29.36 7.05
C THR B 86 -0.41 -30.70 6.34
N ASP B 87 -1.21 -30.94 5.30
CA ASP B 87 -1.12 -32.21 4.60
C ASP B 87 -0.85 -32.09 3.10
N LEU B 88 -1.82 -31.58 2.34
CA LEU B 88 -1.64 -31.47 0.89
C LEU B 88 -0.40 -30.69 0.45
N LEU B 89 -0.21 -29.50 1.01
CA LEU B 89 0.92 -28.66 0.63
C LEU B 89 2.26 -29.34 0.94
N THR B 90 2.28 -30.12 2.02
CA THR B 90 3.48 -30.85 2.42
C THR B 90 3.77 -31.90 1.35
N ARG B 91 2.71 -32.35 0.72
CA ARG B 91 2.74 -33.40 -0.28
C ARG B 91 2.91 -32.97 -1.74
N LYS B 92 2.29 -31.85 -2.12
CA LYS B 92 2.32 -31.40 -3.52
C LYS B 92 2.46 -29.89 -3.69
N LYS B 93 3.29 -29.48 -4.65
CA LYS B 93 3.52 -28.05 -4.93
C LYS B 93 2.38 -27.48 -5.76
N HIS B 94 1.61 -26.57 -5.18
CA HIS B 94 0.50 -25.94 -5.88
C HIS B 94 0.18 -24.57 -5.27
N ASP B 95 -0.52 -23.74 -6.05
CA ASP B 95 -0.85 -22.37 -5.64
C ASP B 95 -2.20 -22.17 -4.96
N ASN B 96 -3.14 -23.06 -5.23
CA ASN B 96 -4.50 -22.90 -4.75
C ASN B 96 -5.18 -24.26 -4.76
N ALA B 97 -6.17 -24.44 -3.90
CA ALA B 97 -6.91 -25.70 -3.85
C ALA B 97 -8.38 -25.43 -3.53
N GLN B 98 -9.27 -26.09 -4.26
CA GLN B 98 -10.69 -25.94 -4.04
C GLN B 98 -11.28 -27.31 -3.73
N LEU B 99 -12.18 -27.37 -2.76
CA LEU B 99 -12.84 -28.61 -2.39
C LEU B 99 -14.22 -28.67 -3.05
N LEU B 100 -14.51 -29.78 -3.74
CA LEU B 100 -15.82 -29.93 -4.33
C LEU B 100 -16.61 -30.85 -3.42
N THR B 101 -17.78 -30.41 -2.99
CA THR B 101 -18.59 -31.22 -2.09
C THR B 101 -20.01 -31.40 -2.60
N ALA B 102 -20.56 -32.59 -2.36
CA ALA B 102 -21.93 -32.89 -2.76
C ALA B 102 -22.83 -32.66 -1.55
N ILE B 103 -22.23 -32.16 -0.47
CA ILE B 103 -22.96 -31.83 0.75
C ILE B 103 -23.74 -30.54 0.45
N ASP B 104 -24.95 -30.44 0.98
CA ASP B 104 -25.72 -29.23 0.76
C ASP B 104 -25.30 -28.25 1.86
N LEU B 105 -24.45 -27.29 1.51
CA LEU B 105 -23.97 -26.30 2.47
C LEU B 105 -25.12 -25.40 2.91
N ASP B 106 -25.07 -24.92 4.15
CA ASP B 106 -26.13 -24.03 4.64
C ASP B 106 -26.07 -22.65 3.96
N ARG B 107 -27.21 -22.22 3.44
CA ARG B 107 -27.35 -20.92 2.78
C ARG B 107 -26.62 -20.74 1.45
N VAL B 108 -25.31 -20.97 1.45
CA VAL B 108 -24.49 -20.78 0.27
C VAL B 108 -24.18 -22.06 -0.53
N ILE B 109 -23.54 -21.86 -1.68
CA ILE B 109 -23.13 -22.96 -2.56
C ILE B 109 -21.63 -22.88 -2.81
N GLY B 110 -20.94 -22.05 -2.04
CA GLY B 110 -19.51 -21.90 -2.16
C GLY B 110 -19.01 -20.88 -1.14
N LEU B 111 -17.70 -20.89 -0.87
CA LEU B 111 -17.12 -19.95 0.11
C LEU B 111 -15.60 -19.95 -0.01
N ALA B 112 -14.98 -18.79 0.20
CA ALA B 112 -13.53 -18.69 0.11
C ALA B 112 -12.97 -17.41 0.72
N TYR B 113 -11.70 -17.46 1.10
CA TYR B 113 -11.00 -16.31 1.68
C TYR B 113 -10.74 -15.28 0.60
N VAL B 114 -10.75 -14.00 1.00
CA VAL B 114 -10.51 -12.90 0.08
C VAL B 114 -9.05 -12.44 0.10
N GLY B 115 -8.46 -12.25 -1.08
CA GLY B 115 -7.08 -11.80 -1.21
C GLY B 115 -6.11 -12.68 -0.46
N SER B 116 -6.08 -13.95 -0.83
CA SER B 116 -5.23 -14.90 -0.13
C SER B 116 -4.45 -15.82 -1.05
N MET B 117 -4.43 -15.55 -2.34
CA MET B 117 -3.72 -16.40 -3.27
C MET B 117 -2.27 -16.63 -2.81
N CYS B 118 -1.91 -17.91 -2.70
CA CYS B 118 -0.58 -18.40 -2.29
C CYS B 118 -0.44 -18.65 -0.78
N HIS B 119 -1.33 -18.09 0.03
CA HIS B 119 -1.26 -18.33 1.47
C HIS B 119 -1.46 -19.84 1.70
N PRO B 120 -0.56 -20.48 2.48
CA PRO B 120 -0.69 -21.93 2.72
C PRO B 120 -2.03 -22.46 3.19
N LYS B 121 -2.75 -21.67 3.98
CA LYS B 121 -4.05 -22.08 4.46
C LYS B 121 -5.20 -21.38 3.73
N ARG B 122 -5.09 -20.06 3.58
CA ARG B 122 -6.18 -19.32 2.96
C ARG B 122 -6.28 -19.32 1.42
N SER B 123 -5.34 -19.96 0.74
CA SER B 123 -5.45 -20.00 -0.72
C SER B 123 -6.34 -21.22 -1.00
N THR B 124 -7.58 -21.14 -0.52
CA THR B 124 -8.52 -22.22 -0.67
C THR B 124 -9.96 -21.72 -0.75
N GLY B 125 -10.83 -22.62 -1.19
CA GLY B 125 -12.25 -22.32 -1.29
C GLY B 125 -12.99 -23.65 -1.34
N ILE B 126 -14.29 -23.62 -1.09
CA ILE B 126 -15.07 -24.85 -1.18
C ILE B 126 -16.22 -24.55 -2.14
N ILE B 127 -16.60 -25.57 -2.89
CA ILE B 127 -17.61 -25.44 -3.92
C ILE B 127 -18.65 -26.54 -3.81
N GLN B 128 -19.92 -26.17 -3.75
CA GLN B 128 -20.96 -27.18 -3.68
C GLN B 128 -21.25 -27.66 -5.09
N ASP B 129 -21.46 -28.96 -5.25
CA ASP B 129 -21.78 -29.52 -6.55
C ASP B 129 -23.25 -29.18 -6.77
N TYR B 130 -23.49 -27.90 -7.02
CA TYR B 130 -24.82 -27.32 -7.18
C TYR B 130 -25.61 -27.76 -8.40
N SER B 131 -24.91 -28.09 -9.49
CA SER B 131 -25.58 -28.47 -10.72
C SER B 131 -24.76 -29.43 -11.59
N GLU B 132 -25.46 -30.22 -12.38
CA GLU B 132 -24.79 -31.16 -13.27
C GLU B 132 -24.24 -30.43 -14.49
N ILE B 133 -24.81 -29.26 -14.78
CA ILE B 133 -24.36 -28.46 -15.89
C ILE B 133 -22.97 -27.92 -15.55
N ASN B 134 -21.97 -28.31 -16.33
CA ASN B 134 -20.61 -27.89 -16.03
C ASN B 134 -20.34 -26.40 -16.07
N LEU B 135 -21.06 -25.68 -16.90
CA LEU B 135 -20.90 -24.23 -16.96
C LEU B 135 -21.25 -23.64 -15.60
N VAL B 136 -22.30 -24.16 -14.97
CA VAL B 136 -22.71 -23.65 -13.67
C VAL B 136 -21.67 -23.83 -12.57
N VAL B 137 -21.13 -25.03 -12.42
CA VAL B 137 -20.11 -25.26 -11.39
C VAL B 137 -18.84 -24.47 -11.73
N ALA B 138 -18.59 -24.26 -13.02
CA ALA B 138 -17.40 -23.50 -13.44
C ALA B 138 -17.52 -22.06 -12.94
N VAL B 139 -18.73 -21.52 -12.97
CA VAL B 139 -18.96 -20.17 -12.52
C VAL B 139 -18.68 -20.06 -11.00
N ILE B 140 -19.14 -21.05 -10.23
CA ILE B 140 -18.91 -21.03 -8.79
C ILE B 140 -17.41 -21.10 -8.53
N MET B 141 -16.76 -22.03 -9.21
CA MET B 141 -15.32 -22.17 -9.06
C MET B 141 -14.62 -20.85 -9.39
N ALA B 142 -14.95 -20.25 -10.53
CA ALA B 142 -14.34 -18.98 -10.93
C ALA B 142 -14.60 -17.91 -9.89
N HIS B 143 -15.81 -17.93 -9.32
CA HIS B 143 -16.21 -16.95 -8.29
C HIS B 143 -15.37 -17.09 -7.01
N GLU B 144 -15.23 -18.33 -6.53
CA GLU B 144 -14.48 -18.57 -5.30
C GLU B 144 -12.99 -18.30 -5.50
N MET B 145 -12.45 -18.73 -6.63
CA MET B 145 -11.05 -18.45 -6.89
C MET B 145 -10.90 -16.94 -7.04
N GLY B 146 -11.97 -16.29 -7.49
CA GLY B 146 -11.97 -14.84 -7.64
C GLY B 146 -11.69 -14.18 -6.31
N HIS B 147 -12.39 -14.63 -5.28
CA HIS B 147 -12.19 -14.08 -3.94
C HIS B 147 -10.72 -14.28 -3.55
N ASN B 148 -10.19 -15.48 -3.78
CA ASN B 148 -8.80 -15.80 -3.46
C ASN B 148 -7.89 -14.78 -4.15
N LEU B 149 -8.25 -14.42 -5.38
CA LEU B 149 -7.49 -13.45 -6.17
C LEU B 149 -7.76 -12.01 -5.75
N GLY B 150 -8.36 -11.81 -4.57
CA GLY B 150 -8.62 -10.47 -4.08
C GLY B 150 -9.91 -9.79 -4.53
N ILE B 151 -10.77 -10.52 -5.21
CA ILE B 151 -11.99 -9.89 -5.69
C ILE B 151 -13.17 -9.99 -4.74
N ASN B 152 -13.80 -8.84 -4.48
CA ASN B 152 -14.99 -8.79 -3.62
C ASN B 152 -16.21 -8.81 -4.54
N HIS B 153 -17.41 -8.91 -3.95
CA HIS B 153 -18.65 -8.97 -4.71
C HIS B 153 -19.03 -7.71 -5.48
N ASP B 154 -19.65 -7.89 -6.64
CA ASP B 154 -20.08 -6.75 -7.45
C ASP B 154 -21.17 -5.98 -6.69
N SER B 155 -21.12 -4.66 -6.79
CA SER B 155 -22.05 -3.73 -6.15
C SER B 155 -22.23 -2.52 -7.05
N GLY B 156 -23.14 -1.65 -6.65
CA GLY B 156 -23.39 -0.41 -7.37
C GLY B 156 -23.36 -0.42 -8.87
N TYR B 157 -22.49 0.41 -9.45
CA TYR B 157 -22.40 0.51 -10.90
C TYR B 157 -21.51 -0.51 -11.60
N CYS B 158 -21.03 -1.49 -10.86
CA CYS B 158 -20.19 -2.52 -11.45
C CYS B 158 -20.98 -3.13 -12.61
N SER B 159 -20.30 -3.43 -13.70
CA SER B 159 -20.97 -3.96 -14.87
C SER B 159 -20.09 -4.82 -15.78
N CYS B 160 -20.75 -5.75 -16.47
CA CYS B 160 -20.07 -6.62 -17.42
C CYS B 160 -21.03 -6.66 -18.62
N GLY B 161 -21.54 -5.48 -18.98
CA GLY B 161 -22.47 -5.40 -20.08
C GLY B 161 -23.85 -5.80 -19.59
N ASP B 162 -24.68 -6.35 -20.47
CA ASP B 162 -25.99 -6.78 -20.05
C ASP B 162 -26.02 -8.28 -19.76
N TYR B 163 -25.21 -8.68 -18.78
CA TYR B 163 -25.10 -10.07 -18.35
C TYR B 163 -24.96 -10.14 -16.84
N ALA B 164 -25.18 -11.33 -16.30
CA ALA B 164 -25.05 -11.57 -14.86
C ALA B 164 -23.57 -11.84 -14.63
N CYS B 165 -22.86 -10.89 -14.01
CA CYS B 165 -21.44 -11.06 -13.76
C CYS B 165 -21.14 -12.12 -12.69
N ILE B 166 -19.98 -12.75 -12.85
CA ILE B 166 -19.54 -13.82 -11.95
C ILE B 166 -19.47 -13.46 -10.48
N MET B 167 -18.95 -12.28 -10.17
CA MET B 167 -18.81 -11.90 -8.78
C MET B 167 -20.03 -11.33 -8.06
N ARG B 168 -21.23 -11.54 -8.60
CA ARG B 168 -22.43 -11.08 -7.90
C ARG B 168 -22.51 -11.99 -6.68
N PRO B 169 -23.09 -11.48 -5.56
CA PRO B 169 -23.23 -12.23 -4.30
C PRO B 169 -24.14 -13.45 -4.38
N GLU B 170 -24.80 -13.63 -5.52
CA GLU B 170 -25.68 -14.77 -5.71
C GLU B 170 -25.51 -15.24 -7.16
N ILE B 171 -25.71 -16.54 -7.40
CA ILE B 171 -25.58 -17.07 -8.75
C ILE B 171 -26.88 -16.83 -9.52
N SER B 172 -26.74 -16.51 -10.80
CA SER B 172 -27.90 -16.27 -11.64
C SER B 172 -28.46 -17.54 -12.27
N PRO B 173 -29.77 -17.57 -12.52
CA PRO B 173 -30.40 -18.75 -13.13
C PRO B 173 -29.82 -18.88 -14.55
N GLU B 174 -29.41 -17.74 -15.11
CA GLU B 174 -28.80 -17.69 -16.43
C GLU B 174 -27.41 -17.05 -16.29
N PRO B 175 -26.46 -17.80 -15.71
CA PRO B 175 -25.08 -17.35 -15.47
C PRO B 175 -24.23 -17.13 -16.72
N SER B 176 -23.38 -16.10 -16.70
CA SER B 176 -22.52 -15.83 -17.82
C SER B 176 -21.09 -16.15 -17.39
N THR B 177 -20.18 -16.06 -18.35
CA THR B 177 -18.78 -16.33 -18.10
C THR B 177 -18.03 -15.02 -17.95
N PHE B 178 -18.76 -13.92 -17.77
CA PHE B 178 -18.12 -12.62 -17.67
C PHE B 178 -17.90 -12.00 -16.29
N PHE B 179 -16.75 -11.38 -16.14
CA PHE B 179 -16.36 -10.68 -14.93
C PHE B 179 -16.73 -9.22 -15.16
N SER B 180 -17.04 -8.51 -14.08
CA SER B 180 -17.38 -7.09 -14.16
C SER B 180 -16.08 -6.31 -14.31
N ASN B 181 -16.21 -5.04 -14.71
CA ASN B 181 -15.05 -4.19 -14.85
C ASN B 181 -14.44 -4.03 -13.45
N CYS B 182 -15.29 -3.94 -12.43
CA CYS B 182 -14.82 -3.82 -11.05
C CYS B 182 -13.93 -5.02 -10.69
N SER B 183 -14.38 -6.21 -11.04
CA SER B 183 -13.64 -7.44 -10.75
C SER B 183 -12.22 -7.39 -11.33
N TYR B 184 -12.15 -7.06 -12.62
CA TYR B 184 -10.86 -6.97 -13.30
C TYR B 184 -9.94 -6.00 -12.58
N PHE B 185 -10.44 -4.80 -12.32
CA PHE B 185 -9.64 -3.80 -11.64
C PHE B 185 -9.23 -4.19 -10.23
N GLU B 186 -10.12 -4.79 -9.46
CA GLU B 186 -9.78 -5.17 -8.10
C GLU B 186 -8.78 -6.33 -8.10
N CYS B 187 -8.91 -7.21 -9.09
CA CYS B 187 -7.99 -8.34 -9.20
C CYS B 187 -6.56 -7.85 -9.45
N TRP B 188 -6.39 -6.91 -10.38
CA TRP B 188 -5.06 -6.42 -10.66
C TRP B 188 -4.52 -5.52 -9.57
N ASP B 189 -5.42 -4.81 -8.90
CA ASP B 189 -5.01 -3.96 -7.80
C ASP B 189 -4.35 -4.92 -6.80
N PHE B 190 -5.02 -6.05 -6.55
CA PHE B 190 -4.51 -7.05 -5.62
C PHE B 190 -3.19 -7.64 -6.10
N ILE B 191 -3.15 -8.05 -7.36
CA ILE B 191 -1.95 -8.64 -7.92
C ILE B 191 -0.79 -7.66 -7.93
N MET B 192 -1.06 -6.40 -8.27
CA MET B 192 0.01 -5.41 -8.29
C MET B 192 0.40 -4.92 -6.90
N ASN B 193 -0.54 -4.92 -5.96
CA ASN B 193 -0.22 -4.45 -4.62
C ASN B 193 0.31 -5.51 -3.66
N HIS B 194 -0.04 -6.77 -3.89
CA HIS B 194 0.45 -7.84 -3.03
C HIS B 194 1.32 -8.79 -3.83
N ASN B 195 1.15 -8.76 -5.15
CA ASN B 195 1.90 -9.60 -6.08
C ASN B 195 2.20 -11.01 -5.53
N PRO B 196 1.18 -11.88 -5.48
CA PRO B 196 1.42 -13.24 -4.99
C PRO B 196 2.42 -13.91 -5.92
N GLU B 197 3.62 -14.15 -5.41
CA GLU B 197 4.71 -14.73 -6.19
C GLU B 197 4.46 -16.13 -6.73
N CYS B 198 3.69 -16.95 -6.02
CA CYS B 198 3.49 -18.32 -6.49
C CYS B 198 2.74 -18.47 -7.82
N ILE B 199 2.14 -17.39 -8.33
CA ILE B 199 1.41 -17.50 -9.59
C ILE B 199 2.14 -16.84 -10.77
N LEU B 200 3.44 -16.59 -10.59
CA LEU B 200 4.25 -15.99 -11.65
C LEU B 200 4.79 -17.09 -12.57
N ASN B 201 5.14 -18.25 -12.02
CA ASN B 201 5.69 -19.33 -12.85
C ASN B 201 4.67 -20.03 -13.73
N GLU B 202 5.10 -20.42 -14.93
CA GLU B 202 4.24 -21.12 -15.88
C GLU B 202 4.45 -22.62 -15.69
N PRO B 203 3.39 -23.36 -15.36
CA PRO B 203 3.51 -24.82 -15.16
C PRO B 203 4.05 -25.58 -16.37
N LEU B 204 4.86 -26.60 -16.10
CA LEU B 204 5.40 -27.44 -17.17
C LEU B 204 4.30 -28.40 -17.65
N GLY B 205 4.30 -28.71 -18.94
CA GLY B 205 3.32 -29.60 -19.51
C GLY B 205 3.09 -30.85 -18.67
N THR B 206 4.17 -31.47 -18.20
CA THR B 206 4.05 -32.67 -17.38
C THR B 206 3.48 -32.36 -16.00
N ASP B 207 3.43 -31.09 -15.63
CA ASP B 207 2.87 -30.71 -14.33
C ASP B 207 1.33 -30.68 -14.42
N ILE B 208 0.80 -30.48 -15.62
CA ILE B 208 -0.64 -30.42 -15.87
C ILE B 208 -1.15 -31.85 -16.03
N ILE B 209 -2.12 -32.24 -15.21
CA ILE B 209 -2.65 -33.61 -15.21
C ILE B 209 -3.91 -33.86 -16.02
N SER B 210 -4.49 -32.81 -16.59
CA SER B 210 -5.69 -32.98 -17.39
C SER B 210 -5.25 -33.38 -18.80
N PRO B 211 -6.11 -34.09 -19.53
CA PRO B 211 -5.76 -34.49 -20.90
C PRO B 211 -5.43 -33.23 -21.70
N PRO B 212 -4.31 -33.24 -22.44
CA PRO B 212 -3.91 -32.07 -23.24
C PRO B 212 -5.05 -31.53 -24.11
N VAL B 213 -5.07 -30.23 -24.30
CA VAL B 213 -6.08 -29.61 -25.14
C VAL B 213 -5.40 -28.59 -26.03
N CYS B 214 -5.41 -28.82 -27.33
CA CYS B 214 -4.78 -27.88 -28.25
C CYS B 214 -5.69 -26.69 -28.44
N GLY B 215 -5.22 -25.53 -27.98
CA GLY B 215 -6.01 -24.32 -28.11
C GLY B 215 -6.45 -23.74 -26.77
N ASN B 216 -5.94 -24.26 -25.65
CA ASN B 216 -6.32 -23.73 -24.34
C ASN B 216 -5.29 -22.74 -23.81
N GLU B 217 -4.32 -22.40 -24.66
CA GLU B 217 -3.26 -21.46 -24.32
C GLU B 217 -2.34 -21.96 -23.19
N LEU B 218 -2.26 -23.28 -23.04
CA LEU B 218 -1.39 -23.93 -22.06
C LEU B 218 -0.57 -24.93 -22.86
N LEU B 219 0.76 -24.82 -22.80
CA LEU B 219 1.61 -25.75 -23.55
C LEU B 219 1.62 -27.07 -22.79
N GLU B 220 1.15 -28.12 -23.44
CA GLU B 220 1.05 -29.42 -22.80
C GLU B 220 1.81 -30.55 -23.51
N VAL B 221 1.85 -31.72 -22.90
CA VAL B 221 2.56 -32.86 -23.47
C VAL B 221 2.04 -33.19 -24.87
N GLY B 222 2.97 -33.36 -25.81
CA GLY B 222 2.57 -33.67 -27.16
C GLY B 222 2.39 -32.44 -28.03
N GLU B 223 2.38 -31.26 -27.41
CA GLU B 223 2.21 -30.02 -28.17
C GLU B 223 3.54 -29.32 -28.41
N GLU B 224 3.71 -28.70 -29.57
CA GLU B 224 4.94 -27.98 -29.88
C GLU B 224 4.74 -26.50 -29.51
N CYS B 225 3.49 -26.06 -29.54
CA CYS B 225 3.13 -24.68 -29.20
C CYS B 225 1.63 -24.66 -29.01
N ASP B 226 1.11 -23.62 -28.35
CA ASP B 226 -0.33 -23.48 -28.16
C ASP B 226 -0.62 -21.99 -28.08
N CYS B 227 -1.30 -21.45 -29.09
CA CYS B 227 -1.59 -20.04 -29.09
C CYS B 227 -3.09 -19.80 -29.06
N GLY B 228 -3.84 -20.79 -28.56
CA GLY B 228 -5.28 -20.65 -28.46
C GLY B 228 -5.99 -21.02 -29.74
N THR B 229 -7.25 -20.61 -29.87
CA THR B 229 -8.03 -20.91 -31.07
C THR B 229 -7.42 -20.18 -32.27
N PRO B 230 -7.70 -20.67 -33.49
CA PRO B 230 -7.18 -20.08 -34.73
C PRO B 230 -7.53 -18.60 -34.83
N GLU B 231 -8.73 -18.26 -34.37
CA GLU B 231 -9.23 -16.89 -34.40
C GLU B 231 -8.51 -15.99 -33.39
N ASN B 232 -8.10 -16.54 -32.25
CA ASN B 232 -7.41 -15.75 -31.23
C ASN B 232 -5.88 -15.70 -31.39
N CYS B 233 -5.31 -16.79 -31.93
CA CYS B 233 -3.86 -16.92 -32.10
C CYS B 233 -3.16 -15.74 -32.78
N GLN B 234 -2.08 -15.26 -32.17
CA GLN B 234 -1.29 -14.16 -32.71
C GLN B 234 0.17 -14.58 -32.68
N ASN B 235 0.38 -15.89 -32.54
CA ASN B 235 1.73 -16.45 -32.48
C ASN B 235 2.07 -16.90 -33.89
N GLU B 236 2.81 -16.06 -34.61
CA GLU B 236 3.18 -16.37 -35.99
C GLU B 236 4.04 -17.64 -36.10
N CYS B 237 4.60 -18.11 -34.99
CA CYS B 237 5.43 -19.31 -35.07
C CYS B 237 4.60 -20.55 -34.99
N CYS B 238 3.31 -20.40 -34.68
CA CYS B 238 2.50 -21.55 -34.43
C CYS B 238 1.28 -21.77 -35.32
N ASP B 239 0.98 -23.03 -35.60
CA ASP B 239 -0.22 -23.32 -36.36
C ASP B 239 -1.25 -23.65 -35.27
N ALA B 240 -2.09 -22.68 -34.99
CA ALA B 240 -3.11 -22.78 -33.95
C ALA B 240 -3.88 -24.10 -33.91
N ALA B 241 -4.54 -24.43 -35.01
CA ALA B 241 -5.35 -25.66 -35.09
C ALA B 241 -4.64 -26.97 -34.75
N THR B 242 -3.34 -27.06 -34.97
CA THR B 242 -2.65 -28.32 -34.69
C THR B 242 -1.62 -28.24 -33.57
N CYS B 243 -1.33 -27.05 -33.07
CA CYS B 243 -0.33 -26.92 -32.01
C CYS B 243 1.06 -27.44 -32.42
N LYS B 244 1.39 -27.24 -33.69
CA LYS B 244 2.69 -27.64 -34.25
C LYS B 244 3.36 -26.38 -34.80
N LEU B 245 4.69 -26.36 -34.81
CA LEU B 245 5.41 -25.20 -35.32
C LEU B 245 5.32 -25.11 -36.83
N LYS B 246 5.36 -23.89 -37.35
CA LYS B 246 5.30 -23.68 -38.80
C LYS B 246 6.38 -22.70 -39.23
N SER B 247 6.69 -22.74 -40.53
CA SER B 247 7.66 -21.86 -41.17
C SER B 247 9.06 -22.00 -40.57
N GLY B 248 9.83 -20.91 -40.59
CA GLY B 248 11.18 -20.95 -40.05
C GLY B 248 11.19 -20.83 -38.54
N SER B 249 10.43 -21.69 -37.88
CA SER B 249 10.35 -21.63 -36.42
C SER B 249 11.04 -22.78 -35.71
N GLN B 250 12.01 -22.47 -34.85
CA GLN B 250 12.69 -23.48 -34.05
C GLN B 250 11.88 -23.62 -32.75
N CYS B 251 11.11 -22.58 -32.42
CA CYS B 251 10.31 -22.58 -31.21
C CYS B 251 9.15 -21.60 -31.34
N GLY B 252 8.17 -21.73 -30.47
CA GLY B 252 7.04 -20.82 -30.49
C GLY B 252 6.59 -20.60 -29.05
N HIS B 253 7.52 -20.77 -28.11
CA HIS B 253 7.22 -20.66 -26.70
C HIS B 253 8.51 -20.60 -25.91
N GLY B 254 8.47 -20.03 -24.71
CA GLY B 254 9.66 -19.97 -23.87
C GLY B 254 10.33 -18.61 -23.72
N ASP B 255 11.07 -18.46 -22.64
CA ASP B 255 11.80 -17.22 -22.37
C ASP B 255 13.07 -17.19 -23.19
N CYS B 256 13.36 -18.28 -23.89
CA CYS B 256 14.54 -18.34 -24.74
C CYS B 256 14.15 -18.52 -26.21
N CYS B 257 12.99 -17.98 -26.57
CA CYS B 257 12.49 -18.00 -27.94
C CYS B 257 12.26 -16.56 -28.37
N GLU B 258 12.95 -16.10 -29.41
CA GLU B 258 12.77 -14.73 -29.89
C GLU B 258 12.40 -14.77 -31.36
N GLN B 259 11.22 -14.27 -31.70
CA GLN B 259 10.74 -14.28 -33.07
C GLN B 259 10.94 -15.66 -33.70
N CYS B 260 10.48 -16.68 -32.96
CA CYS B 260 10.50 -18.08 -33.39
C CYS B 260 11.85 -18.79 -33.44
N LYS B 261 12.88 -18.15 -32.90
CA LYS B 261 14.24 -18.73 -32.89
C LYS B 261 14.81 -18.88 -31.49
N PHE B 262 15.70 -19.84 -31.30
CA PHE B 262 16.33 -20.05 -30.01
C PHE B 262 17.16 -18.80 -29.73
N SER B 263 17.06 -18.26 -28.52
CA SER B 263 17.84 -17.10 -28.14
C SER B 263 19.29 -17.52 -28.24
N LYS B 264 20.21 -16.58 -28.47
CA LYS B 264 21.61 -16.95 -28.56
C LYS B 264 22.13 -17.40 -27.19
N SER B 265 23.01 -18.39 -27.19
CA SER B 265 23.61 -18.92 -25.97
C SER B 265 24.15 -17.81 -25.07
N GLY B 266 23.86 -17.89 -23.77
CA GLY B 266 24.34 -16.86 -22.86
C GLY B 266 23.37 -15.73 -22.61
N THR B 267 22.28 -15.69 -23.35
CA THR B 267 21.28 -14.64 -23.17
C THR B 267 20.65 -14.83 -21.80
N GLU B 268 20.47 -13.75 -21.06
CA GLU B 268 19.88 -13.84 -19.73
C GLU B 268 18.36 -14.05 -19.85
N CYS B 269 17.85 -15.09 -19.20
CA CYS B 269 16.41 -15.35 -19.26
C CYS B 269 15.68 -15.28 -17.92
N ARG B 270 16.45 -15.24 -16.84
CA ARG B 270 15.86 -15.06 -15.50
C ARG B 270 16.87 -14.25 -14.71
N ALA B 271 16.54 -12.99 -14.45
CA ALA B 271 17.42 -12.08 -13.72
C ALA B 271 17.67 -12.51 -12.30
N SER B 272 18.82 -12.12 -11.77
CA SER B 272 19.20 -12.43 -10.41
C SER B 272 18.43 -11.59 -9.38
N MET B 273 17.84 -12.27 -8.40
CA MET B 273 17.09 -11.64 -7.31
C MET B 273 18.07 -11.01 -6.33
N SER B 274 19.20 -11.68 -6.14
CA SER B 274 20.23 -11.21 -5.23
C SER B 274 21.49 -12.02 -5.49
N GLU B 275 22.52 -11.71 -4.72
CA GLU B 275 23.80 -12.40 -4.81
C GLU B 275 23.62 -13.91 -4.65
N CYS B 276 22.63 -14.31 -3.86
CA CYS B 276 22.35 -15.72 -3.61
C CYS B 276 21.50 -16.36 -4.70
N ASP B 277 21.20 -15.61 -5.76
CA ASP B 277 20.37 -16.12 -6.86
C ASP B 277 21.04 -15.92 -8.20
N PRO B 278 21.87 -16.88 -8.63
CA PRO B 278 22.52 -16.71 -9.93
C PRO B 278 21.46 -16.59 -11.03
N ALA B 279 21.73 -15.75 -12.01
CA ALA B 279 20.82 -15.56 -13.14
C ALA B 279 20.92 -16.80 -14.00
N GLU B 280 19.84 -17.15 -14.70
CA GLU B 280 19.87 -18.29 -15.60
C GLU B 280 20.07 -17.75 -17.02
N HIS B 281 20.70 -18.54 -17.88
CA HIS B 281 20.96 -18.10 -19.25
C HIS B 281 20.54 -19.12 -20.28
N CYS B 282 20.10 -18.64 -21.44
CA CYS B 282 19.67 -19.52 -22.52
C CYS B 282 20.83 -20.39 -22.99
N THR B 283 20.54 -21.62 -23.39
CA THR B 283 21.57 -22.55 -23.86
C THR B 283 21.93 -22.36 -25.33
N GLY B 284 21.03 -21.74 -26.10
CA GLY B 284 21.27 -21.58 -27.53
C GLY B 284 20.65 -22.71 -28.34
N GLN B 285 20.27 -23.79 -27.66
CA GLN B 285 19.67 -24.98 -28.29
C GLN B 285 18.30 -25.33 -27.74
N SER B 286 17.76 -24.47 -26.88
CA SER B 286 16.45 -24.72 -26.28
C SER B 286 15.70 -23.41 -26.18
N SER B 287 14.37 -23.50 -26.20
CA SER B 287 13.51 -22.33 -26.11
C SER B 287 13.14 -21.97 -24.67
N GLU B 288 13.40 -22.90 -23.76
CA GLU B 288 13.05 -22.69 -22.35
C GLU B 288 14.24 -22.27 -21.51
N CYS B 289 13.98 -21.39 -20.56
CA CYS B 289 15.01 -20.92 -19.65
C CYS B 289 15.28 -22.06 -18.68
N PRO B 290 16.56 -22.32 -18.37
CA PRO B 290 16.84 -23.41 -17.42
C PRO B 290 16.09 -23.15 -16.10
N ALA B 291 15.86 -24.21 -15.33
CA ALA B 291 15.14 -24.07 -14.06
C ALA B 291 15.89 -23.08 -13.17
N ASP B 292 15.15 -22.34 -12.36
CA ASP B 292 15.73 -21.35 -11.47
C ASP B 292 16.50 -22.03 -10.34
N VAL B 293 17.81 -21.78 -10.27
CA VAL B 293 18.63 -22.35 -9.21
C VAL B 293 19.16 -21.20 -8.34
N PHE B 294 19.51 -21.53 -7.10
CA PHE B 294 20.04 -20.54 -6.14
C PHE B 294 21.37 -21.03 -5.59
N HIS B 295 22.07 -20.19 -4.82
CA HIS B 295 23.30 -20.66 -4.21
C HIS B 295 22.83 -21.64 -3.13
N LYS B 296 23.71 -22.50 -2.65
CA LYS B 296 23.35 -23.45 -1.60
C LYS B 296 23.03 -22.63 -0.35
N ASN B 297 21.99 -23.01 0.37
CA ASN B 297 21.63 -22.34 1.62
C ASN B 297 22.85 -22.44 2.55
N GLY B 298 23.18 -21.35 3.22
CA GLY B 298 24.33 -21.38 4.12
C GLY B 298 25.58 -20.74 3.57
N GLN B 299 25.61 -20.49 2.25
CA GLN B 299 26.78 -19.86 1.65
C GLN B 299 26.89 -18.41 2.12
N PRO B 300 28.11 -17.97 2.47
CA PRO B 300 28.25 -16.59 2.93
C PRO B 300 27.77 -15.62 1.88
N CYS B 301 27.16 -14.52 2.31
CA CYS B 301 26.69 -13.50 1.38
C CYS B 301 26.78 -12.08 1.94
N LEU B 302 26.73 -11.09 1.04
CA LEU B 302 26.79 -9.69 1.40
C LEU B 302 27.99 -9.36 2.30
N ASP B 303 29.17 -9.54 1.75
CA ASP B 303 30.42 -9.24 2.44
C ASP B 303 30.46 -9.84 3.83
N ASN B 304 29.97 -11.07 3.95
CA ASN B 304 29.97 -11.82 5.19
C ASN B 304 29.08 -11.30 6.32
N TYR B 305 28.00 -10.62 5.96
CA TYR B 305 27.07 -10.15 6.96
C TYR B 305 25.88 -11.09 7.02
N GLY B 306 25.83 -12.02 6.07
CA GLY B 306 24.74 -12.98 6.04
C GLY B 306 25.10 -14.32 5.42
N TYR B 307 24.11 -15.21 5.34
CA TYR B 307 24.28 -16.53 4.73
C TYR B 307 23.05 -16.73 3.86
N CYS B 308 23.26 -17.33 2.69
CA CYS B 308 22.16 -17.54 1.78
C CYS B 308 20.97 -18.36 2.30
N TYR B 309 19.78 -17.95 1.88
CA TYR B 309 18.56 -18.65 2.25
C TYR B 309 17.56 -18.54 1.12
N ASN B 310 17.32 -19.68 0.46
CA ASN B 310 16.37 -19.77 -0.65
C ASN B 310 16.42 -18.61 -1.66
N GLY B 311 17.60 -18.35 -2.20
CA GLY B 311 17.76 -17.30 -3.19
C GLY B 311 17.96 -15.88 -2.66
N ASN B 312 17.95 -15.69 -1.35
CA ASN B 312 18.15 -14.34 -0.82
C ASN B 312 19.20 -14.33 0.29
N CYS B 313 19.63 -13.14 0.70
CA CYS B 313 20.59 -13.02 1.79
C CYS B 313 19.94 -12.18 2.89
N PRO B 314 19.03 -12.80 3.67
CA PRO B 314 18.33 -12.11 4.76
C PRO B 314 19.24 -11.70 5.91
N ILE B 315 19.31 -10.39 6.15
CA ILE B 315 20.13 -9.84 7.21
C ILE B 315 19.32 -8.80 7.98
N MET B 316 19.62 -8.66 9.27
CA MET B 316 18.88 -7.74 10.12
C MET B 316 18.80 -6.30 9.62
N TYR B 317 19.93 -5.75 9.20
CA TYR B 317 19.94 -4.37 8.70
C TYR B 317 18.91 -4.11 7.60
N HIS B 318 18.86 -4.98 6.59
CA HIS B 318 17.91 -4.79 5.49
C HIS B 318 16.48 -4.91 5.99
N GLN B 319 16.24 -5.84 6.91
CA GLN B 319 14.89 -5.99 7.44
C GLN B 319 14.49 -4.74 8.20
N CYS B 320 15.43 -4.15 8.95
CA CYS B 320 15.16 -2.91 9.67
C CYS B 320 14.82 -1.84 8.62
N TYR B 321 15.65 -1.77 7.59
CA TYR B 321 15.42 -0.80 6.54
C TYR B 321 14.06 -1.04 5.89
N ASP B 322 13.75 -2.29 5.57
CA ASP B 322 12.47 -2.57 4.91
C ASP B 322 11.28 -2.16 5.75
N LEU B 323 11.37 -2.35 7.07
CA LEU B 323 10.27 -1.98 7.94
C LEU B 323 10.20 -0.51 8.31
N PHE B 324 11.35 0.12 8.50
CA PHE B 324 11.39 1.48 9.00
C PHE B 324 12.05 2.60 8.19
N GLY B 325 12.67 2.27 7.05
CA GLY B 325 13.32 3.31 6.27
C GLY B 325 14.79 3.50 6.66
N ALA B 326 15.38 4.59 6.17
CA ALA B 326 16.79 4.92 6.41
C ALA B 326 17.18 5.25 7.84
N ASP B 327 18.47 5.10 8.13
CA ASP B 327 19.04 5.41 9.44
C ASP B 327 18.47 4.55 10.58
N VAL B 328 18.03 3.34 10.26
CA VAL B 328 17.50 2.43 11.28
C VAL B 328 18.30 1.13 11.17
N TYR B 329 18.95 0.75 12.25
CA TYR B 329 19.81 -0.43 12.22
C TYR B 329 19.51 -1.50 13.27
N GLU B 330 20.18 -2.64 13.14
CA GLU B 330 20.02 -3.73 14.08
C GLU B 330 20.24 -3.20 15.49
N ALA B 331 19.30 -3.44 16.40
CA ALA B 331 19.44 -2.96 17.77
C ALA B 331 20.45 -3.76 18.60
N GLU B 332 20.82 -3.20 19.75
CA GLU B 332 21.72 -3.87 20.68
C GLU B 332 21.08 -5.17 21.12
N ASP B 333 21.91 -6.12 21.52
CA ASP B 333 21.43 -7.42 21.98
C ASP B 333 20.41 -7.32 23.11
N SER B 334 20.64 -6.43 24.06
CA SER B 334 19.73 -6.30 25.19
C SER B 334 18.28 -6.16 24.77
N CYS B 335 18.02 -5.42 23.69
CA CYS B 335 16.63 -5.25 23.25
C CYS B 335 15.95 -6.59 23.01
N PHE B 336 16.67 -7.53 22.41
CA PHE B 336 16.07 -8.83 22.10
C PHE B 336 15.63 -9.69 23.29
N GLU B 337 16.02 -9.31 24.49
CA GLU B 337 15.63 -10.09 25.65
C GLU B 337 14.12 -10.00 25.86
N ARG B 338 13.49 -8.99 25.25
CA ARG B 338 12.05 -8.83 25.39
C ARG B 338 11.31 -10.04 24.79
N ASN B 339 11.98 -10.73 23.87
CA ASN B 339 11.40 -11.91 23.24
C ASN B 339 11.22 -13.06 24.22
N GLN B 340 11.85 -13.00 25.39
CA GLN B 340 11.67 -14.08 26.35
C GLN B 340 10.30 -13.98 27.03
N LYS B 341 9.66 -12.82 26.89
CA LYS B 341 8.35 -12.56 27.50
C LYS B 341 7.20 -13.46 27.07
N GLY B 342 7.10 -13.75 25.78
CA GLY B 342 6.01 -14.57 25.30
C GLY B 342 4.71 -13.75 25.33
N ASN B 343 4.84 -12.43 25.35
CA ASN B 343 3.63 -11.60 25.35
C ASN B 343 3.16 -11.36 23.92
N TYR B 344 2.33 -10.33 23.69
CA TYR B 344 1.77 -10.15 22.35
C TYR B 344 2.74 -9.94 21.20
N TYR B 345 3.89 -9.32 21.46
CA TYR B 345 4.86 -9.09 20.40
C TYR B 345 6.19 -9.83 20.60
N GLY B 346 6.55 -10.08 21.86
CA GLY B 346 7.81 -10.74 22.15
C GLY B 346 7.75 -12.25 22.30
N TYR B 347 8.07 -12.95 21.23
CA TYR B 347 8.01 -14.41 21.24
C TYR B 347 8.85 -14.91 20.08
N CYS B 348 9.17 -16.21 20.07
CA CYS B 348 9.98 -16.79 18.98
C CYS B 348 9.19 -17.42 17.87
N ARG B 349 8.10 -18.09 18.21
CA ARG B 349 7.29 -18.71 17.18
C ARG B 349 5.95 -19.09 17.74
N LYS B 350 5.12 -19.66 16.89
CA LYS B 350 3.79 -20.08 17.30
C LYS B 350 3.62 -21.58 17.10
N GLU B 351 2.87 -22.20 18.01
CA GLU B 351 2.58 -23.63 17.95
C GLU B 351 1.10 -23.76 18.23
N ASN B 352 0.33 -24.17 17.22
CA ASN B 352 -1.10 -24.34 17.38
C ASN B 352 -1.75 -23.01 17.76
N GLY B 353 -1.16 -21.91 17.32
CA GLY B 353 -1.71 -20.59 17.63
C GLY B 353 -1.16 -20.02 18.93
N ASN B 354 -0.39 -20.82 19.65
CA ASN B 354 0.22 -20.39 20.91
C ASN B 354 1.57 -19.72 20.66
N LYS B 355 1.80 -18.59 21.32
CA LYS B 355 3.05 -17.86 21.19
C LYS B 355 4.10 -18.44 22.15
N ILE B 356 5.17 -18.99 21.58
CA ILE B 356 6.23 -19.59 22.37
C ILE B 356 7.33 -18.56 22.63
N PRO B 357 7.65 -18.31 23.91
CA PRO B 357 8.71 -17.34 24.18
C PRO B 357 10.07 -17.88 23.73
N CYS B 358 10.96 -16.99 23.34
CA CYS B 358 12.30 -17.40 22.93
C CYS B 358 13.10 -17.87 24.13
N ALA B 359 13.85 -18.96 23.98
CA ALA B 359 14.70 -19.40 25.06
C ALA B 359 15.85 -18.38 24.99
N PRO B 360 16.62 -18.21 26.06
CA PRO B 360 17.72 -17.24 26.05
C PRO B 360 18.61 -17.25 24.80
N GLU B 361 18.97 -18.43 24.34
CA GLU B 361 19.84 -18.57 23.18
C GLU B 361 19.20 -18.26 21.82
N ASP B 362 17.87 -18.11 21.78
CA ASP B 362 17.16 -17.84 20.53
C ASP B 362 16.51 -16.45 20.39
N VAL B 363 16.74 -15.54 21.34
CA VAL B 363 16.10 -14.23 21.30
C VAL B 363 16.29 -13.44 20.00
N LYS B 364 17.39 -13.69 19.30
CA LYS B 364 17.68 -13.00 18.06
C LYS B 364 16.84 -13.55 16.89
N CYS B 365 16.01 -14.56 17.16
CA CYS B 365 15.19 -15.13 16.10
C CYS B 365 13.67 -14.96 16.29
N GLY B 366 13.28 -14.10 17.24
CA GLY B 366 11.87 -13.85 17.47
C GLY B 366 11.54 -12.52 16.79
N ARG B 367 10.89 -11.63 17.54
CA ARG B 367 10.55 -10.30 17.03
C ARG B 367 11.87 -9.53 16.80
N LEU B 368 11.93 -8.81 15.69
CA LEU B 368 13.12 -8.02 15.36
C LEU B 368 13.09 -6.66 16.05
N TYR B 369 14.24 -6.21 16.56
CA TYR B 369 14.35 -4.91 17.20
C TYR B 369 15.41 -4.13 16.46
N CYS B 370 15.16 -2.85 16.25
CA CYS B 370 16.10 -1.98 15.52
C CYS B 370 16.31 -0.69 16.28
N LYS B 371 17.52 -0.13 16.22
CA LYS B 371 17.77 1.16 16.86
C LYS B 371 17.41 2.21 15.79
N ASP B 372 16.49 3.10 16.13
CA ASP B 372 16.03 4.13 15.19
C ASP B 372 16.85 5.39 15.35
N ASN B 373 17.79 5.60 14.44
CA ASN B 373 18.62 6.80 14.50
C ASN B 373 18.14 7.76 13.42
N SER B 374 16.90 7.59 13.00
CA SER B 374 16.33 8.44 11.95
C SER B 374 15.91 9.77 12.58
N PRO B 375 15.72 10.83 11.77
CA PRO B 375 15.34 12.16 12.26
C PRO B 375 14.30 12.27 13.38
N GLY B 376 14.71 12.86 14.49
CA GLY B 376 13.82 13.08 15.63
C GLY B 376 13.40 11.86 16.41
N GLN B 377 14.03 10.72 16.14
CA GLN B 377 13.66 9.50 16.84
C GLN B 377 14.53 9.13 18.03
N ASN B 378 13.87 8.66 19.08
CA ASN B 378 14.54 8.20 20.29
C ASN B 378 13.89 6.85 20.57
N ASN B 379 14.46 5.78 20.00
CA ASN B 379 13.91 4.45 20.18
C ASN B 379 14.96 3.40 19.84
N PRO B 380 15.79 3.03 20.82
CA PRO B 380 16.86 2.04 20.63
C PRO B 380 16.37 0.59 20.47
N CYS B 381 15.09 0.35 20.76
CA CYS B 381 14.52 -0.99 20.66
C CYS B 381 13.18 -0.91 19.95
N LYS B 382 13.21 -0.43 18.71
CA LYS B 382 11.99 -0.28 17.92
C LYS B 382 11.66 -1.61 17.27
N MET B 383 10.38 -1.97 17.28
CA MET B 383 9.93 -3.19 16.66
C MET B 383 8.62 -2.92 15.96
N PHE B 384 8.26 -3.79 15.04
CA PHE B 384 7.02 -3.66 14.30
C PHE B 384 5.99 -4.70 14.75
N TYR B 385 4.80 -4.23 15.12
CA TYR B 385 3.74 -5.15 15.52
C TYR B 385 2.38 -4.64 15.05
N SER B 386 1.65 -5.51 14.36
CA SER B 386 0.30 -5.21 13.88
C SER B 386 -0.48 -6.50 13.95
N ASN B 387 -1.67 -6.47 14.55
CA ASN B 387 -2.43 -7.69 14.63
C ASN B 387 -3.06 -8.03 13.30
N GLU B 388 -2.80 -7.22 12.29
CA GLU B 388 -3.30 -7.51 10.96
C GLU B 388 -2.47 -8.70 10.44
N ASP B 389 -1.22 -8.81 10.90
CA ASP B 389 -0.31 -9.90 10.52
C ASP B 389 0.86 -9.90 11.51
N GLU B 390 0.69 -10.63 12.60
CA GLU B 390 1.67 -10.69 13.66
C GLU B 390 3.06 -11.14 13.24
N HIS B 391 3.15 -11.80 12.09
CA HIS B 391 4.43 -12.30 11.59
C HIS B 391 5.27 -11.17 10.99
N LYS B 392 4.63 -10.12 10.51
CA LYS B 392 5.40 -9.02 9.94
C LYS B 392 6.21 -8.42 11.09
N GLY B 393 7.51 -8.27 10.87
CA GLY B 393 8.34 -7.72 11.93
C GLY B 393 9.08 -8.81 12.70
N MET B 394 8.81 -10.09 12.41
CA MET B 394 9.53 -11.19 13.05
C MET B 394 10.79 -11.41 12.21
N VAL B 395 11.92 -11.71 12.85
CA VAL B 395 13.15 -11.96 12.09
C VAL B 395 12.90 -13.04 11.04
N LEU B 396 13.37 -12.81 9.82
CA LEU B 396 13.16 -13.77 8.74
C LEU B 396 13.95 -15.07 8.88
N PRO B 397 13.39 -16.16 8.33
CA PRO B 397 14.06 -17.45 8.39
C PRO B 397 15.36 -17.31 7.61
N GLY B 398 16.44 -17.90 8.13
CA GLY B 398 17.71 -17.83 7.42
C GLY B 398 18.61 -16.66 7.80
N THR B 399 18.07 -15.73 8.58
CA THR B 399 18.82 -14.55 8.98
C THR B 399 19.98 -14.85 9.92
N LYS B 400 21.15 -14.30 9.62
CA LYS B 400 22.30 -14.51 10.49
C LYS B 400 21.95 -13.89 11.84
N CYS B 401 22.04 -14.70 12.90
CA CYS B 401 21.70 -14.24 14.24
C CYS B 401 22.90 -14.11 15.17
N ALA B 402 24.06 -14.57 14.71
CA ALA B 402 25.32 -14.46 15.45
C ALA B 402 26.41 -15.00 14.54
N ASP B 403 27.67 -14.76 14.88
CA ASP B 403 28.77 -15.28 14.08
C ASP B 403 28.57 -16.79 13.89
N GLY B 404 28.52 -17.24 12.64
CA GLY B 404 28.33 -18.66 12.35
C GLY B 404 26.99 -19.25 12.73
N LYS B 405 25.96 -18.41 12.85
CA LYS B 405 24.64 -18.89 13.21
C LYS B 405 23.50 -18.20 12.47
N VAL B 406 22.45 -18.96 12.19
CA VAL B 406 21.28 -18.42 11.50
C VAL B 406 20.00 -18.85 12.20
N CYS B 407 18.91 -18.16 11.89
CA CYS B 407 17.60 -18.46 12.45
C CYS B 407 16.93 -19.54 11.62
N SER B 408 16.42 -20.56 12.31
CA SER B 408 15.71 -21.67 11.66
C SER B 408 14.53 -22.05 12.54
N ASN B 409 13.32 -21.79 12.05
CA ASN B 409 12.10 -22.10 12.81
C ASN B 409 12.10 -21.46 14.18
N GLY B 410 12.65 -20.26 14.28
CA GLY B 410 12.69 -19.56 15.54
C GLY B 410 13.83 -19.89 16.48
N HIS B 411 14.86 -20.56 15.98
CA HIS B 411 16.01 -20.93 16.80
C HIS B 411 17.29 -20.41 16.16
N CYS B 412 18.17 -19.85 16.98
CA CYS B 412 19.46 -19.36 16.48
C CYS B 412 20.38 -20.58 16.56
N VAL B 413 20.69 -21.17 15.40
CA VAL B 413 21.54 -22.37 15.36
C VAL B 413 22.79 -22.26 14.47
N ASP B 414 23.75 -23.15 14.71
CA ASP B 414 24.99 -23.17 13.93
C ASP B 414 24.61 -23.28 12.46
N VAL B 415 25.08 -22.32 11.65
CA VAL B 415 24.79 -22.34 10.23
C VAL B 415 25.37 -23.62 9.61
N ALA B 416 26.48 -24.10 10.16
CA ALA B 416 27.12 -25.31 9.66
C ALA B 416 26.18 -26.51 9.59
N THR B 417 25.23 -26.58 10.51
CA THR B 417 24.30 -27.69 10.52
C THR B 417 22.84 -27.28 10.41
N ALA B 418 22.59 -26.06 9.96
CA ALA B 418 21.21 -25.58 9.80
C ALA B 418 20.57 -26.16 8.53
N TYR B 419 21.42 -26.53 7.58
CA TYR B 419 20.96 -27.09 6.31
C TYR B 419 21.69 -28.41 6.01
#